data_8GSR
#
_entry.id   8GSR
#
_cell.length_a   64.217
_cell.length_b   66.412
_cell.length_c   75.202
_cell.angle_alpha   90.150
_cell.angle_beta   91.800
_cell.angle_gamma   104.940
#
_symmetry.space_group_name_H-M   'P 1'
#
loop_
_entity.id
_entity.type
_entity.pdbx_description
1 polymer 'L-2,4-diketo-3-deoxyrhamnonate hydrolase'
2 non-polymer 'MAGNESIUM ION'
3 water water
#
_entity_poly.entity_id   1
_entity_poly.type   'polypeptide(L)'
_entity_poly.pdbx_seq_one_letter_code
;(MSE)RGSHHHHHHGSKFCRFGQRGQEKPGIIDADGNIRDLSGVVPELTIDALAAAKGADIALLPLVEGEPRYGVPVKGI
GKIVAIGLNYEDHAIESNLPIPTEP(MSE)(MSE)F(MSE)KALSSLNGPNDEVVLPKNSTHGDWEVELGVVIGETCRFV
SEDEALSKVAGYVLVNDVSERFNQKQRGTQWSKGKGHDTFCPVGPWLVTPDEVGDPQDLDVHLDVNGER(MSE)QTGNTK
T(MSE)IFNVAQLISYVSEYITLYPGDL(MSE)ITGTPPGVGEGKKPQAIYLKAGDV(MSE)ELGIEKLGTQRQQVSEWR
HLGDEVFG
;
_entity_poly.pdbx_strand_id   A,B,C,D
#
loop_
_chem_comp.id
_chem_comp.type
_chem_comp.name
_chem_comp.formula
MG non-polymer 'MAGNESIUM ION' 'Mg 2'
#
# COMPACT_ATOMS: atom_id res chain seq x y z
N HIS A 7 -8.00 20.11 33.69
CA HIS A 7 -8.27 19.49 32.40
C HIS A 7 -8.81 18.07 32.58
N HIS A 8 -10.05 17.86 32.17
CA HIS A 8 -10.72 16.58 32.37
C HIS A 8 -10.54 15.65 31.16
N HIS A 9 -11.00 14.41 31.31
CA HIS A 9 -10.82 13.37 30.31
C HIS A 9 -12.12 12.94 29.65
N HIS A 10 -13.10 13.84 29.58
CA HIS A 10 -14.40 13.51 28.99
C HIS A 10 -14.58 14.06 27.59
N GLY A 11 -13.73 14.98 27.15
CA GLY A 11 -13.80 15.51 25.81
C GLY A 11 -14.70 16.73 25.70
N SER A 12 -14.55 17.46 24.60
CA SER A 12 -15.32 18.68 24.39
C SER A 12 -15.70 18.78 22.91
N LYS A 13 -16.79 19.48 22.64
CA LYS A 13 -17.20 19.87 21.29
C LYS A 13 -17.17 21.38 21.18
N PHE A 14 -16.19 21.91 20.47
CA PHE A 14 -16.04 23.35 20.33
C PHE A 14 -16.58 23.83 18.98
N CYS A 15 -16.99 25.09 18.94
CA CYS A 15 -17.51 25.66 17.72
C CYS A 15 -17.23 27.15 17.71
N ARG A 16 -17.49 27.76 16.55
CA ARG A 16 -17.47 29.22 16.41
C ARG A 16 -18.78 29.61 15.75
N PHE A 17 -19.48 30.58 16.35
CA PHE A 17 -20.82 30.91 15.90
C PHE A 17 -20.94 32.40 15.60
N GLY A 18 -21.73 32.71 14.59
CA GLY A 18 -21.96 34.08 14.16
C GLY A 18 -21.70 34.24 12.69
N GLN A 19 -21.96 35.46 12.21
CA GLN A 19 -21.70 35.80 10.82
C GLN A 19 -20.21 35.80 10.52
N ARG A 20 -19.87 35.70 9.23
CA ARG A 20 -18.48 35.70 8.79
C ARG A 20 -17.74 36.93 9.30
N GLY A 21 -16.52 36.70 9.79
CA GLY A 21 -15.73 37.77 10.38
C GLY A 21 -16.19 38.24 11.74
N GLN A 22 -17.29 37.71 12.28
CA GLN A 22 -17.77 38.13 13.59
C GLN A 22 -18.00 36.94 14.51
N GLU A 23 -17.42 35.78 14.19
CA GLU A 23 -17.67 34.57 14.97
C GLU A 23 -17.17 34.73 16.40
N LYS A 24 -17.79 33.97 17.31
CA LYS A 24 -17.50 33.92 18.73
C LYS A 24 -17.25 32.48 19.16
N PRO A 25 -16.43 32.26 20.18
CA PRO A 25 -16.12 30.89 20.59
C PRO A 25 -17.25 30.24 21.36
N GLY A 26 -17.46 28.94 21.12
CA GLY A 26 -18.53 28.23 21.80
C GLY A 26 -18.21 26.79 22.09
N ILE A 27 -19.08 26.16 22.88
CA ILE A 27 -18.98 24.76 23.25
C ILE A 27 -20.38 24.20 23.25
N ILE A 28 -20.54 22.95 22.79
CA ILE A 28 -21.85 22.32 22.70
C ILE A 28 -22.11 21.58 24.00
N ASP A 29 -23.27 21.80 24.60
CA ASP A 29 -23.59 21.07 25.81
C ASP A 29 -24.32 19.77 25.46
N ALA A 30 -24.63 18.97 26.49
CA ALA A 30 -25.25 17.67 26.25
C ALA A 30 -26.61 17.78 25.58
N ASP A 31 -27.28 18.91 25.68
CA ASP A 31 -28.58 19.07 25.07
C ASP A 31 -28.50 19.60 23.65
N GLY A 32 -27.30 19.78 23.11
CA GLY A 32 -27.15 20.34 21.79
C GLY A 32 -27.18 21.85 21.70
N ASN A 33 -27.27 22.57 22.82
CA ASN A 33 -27.18 24.03 22.81
C ASN A 33 -25.74 24.49 22.64
N ILE A 34 -25.57 25.64 22.00
CA ILE A 34 -24.29 26.34 22.03
C ILE A 34 -24.18 27.12 23.34
N ARG A 35 -23.03 27.01 24.00
CA ARG A 35 -22.71 27.80 25.19
C ARG A 35 -21.60 28.79 24.85
N ASP A 36 -21.80 30.04 25.22
CA ASP A 36 -20.86 31.10 24.86
C ASP A 36 -19.59 31.00 25.71
N LEU A 37 -18.44 30.89 25.04
CA LEU A 37 -17.14 30.86 25.70
C LEU A 37 -16.46 32.22 25.78
N SER A 38 -17.11 33.30 25.31
CA SER A 38 -16.45 34.61 25.22
C SER A 38 -15.91 35.08 26.58
N GLY A 39 -16.53 34.66 27.68
CA GLY A 39 -16.03 35.04 28.99
C GLY A 39 -14.76 34.33 29.40
N VAL A 40 -14.44 33.21 28.75
CA VAL A 40 -13.26 32.42 29.10
C VAL A 40 -12.11 32.69 28.13
N VAL A 41 -12.40 32.65 26.83
CA VAL A 41 -11.40 32.88 25.79
C VAL A 41 -11.98 33.86 24.77
N PRO A 42 -11.15 34.76 24.23
CA PRO A 42 -11.67 35.67 23.20
C PRO A 42 -11.99 34.98 21.89
N GLU A 43 -11.18 33.98 21.50
CA GLU A 43 -11.34 33.31 20.21
C GLU A 43 -11.07 31.82 20.38
N LEU A 44 -11.68 31.00 19.52
CA LEU A 44 -11.42 29.56 19.56
C LEU A 44 -10.23 29.26 18.64
N THR A 45 -9.04 29.44 19.20
CA THR A 45 -7.79 29.08 18.56
C THR A 45 -7.22 27.83 19.22
N ILE A 46 -6.17 27.27 18.62
CA ILE A 46 -5.54 26.11 19.24
C ILE A 46 -4.91 26.50 20.57
N ASP A 47 -4.33 27.70 20.66
CA ASP A 47 -3.77 28.14 21.93
C ASP A 47 -4.84 28.33 22.99
N ALA A 48 -6.07 28.61 22.58
CA ALA A 48 -7.16 28.86 23.52
C ALA A 48 -7.70 27.59 24.15
N LEU A 49 -7.32 26.41 23.62
CA LEU A 49 -7.99 25.18 24.00
C LEU A 49 -7.77 24.85 25.47
N ALA A 50 -6.55 25.07 25.97
CA ALA A 50 -6.27 24.77 27.37
C ALA A 50 -7.27 25.47 28.28
N ALA A 51 -7.41 26.79 28.12
CA ALA A 51 -8.40 27.52 28.90
C ALA A 51 -9.81 27.03 28.60
N ALA A 52 -10.13 26.80 27.32
CA ALA A 52 -11.48 26.40 26.96
C ALA A 52 -11.80 25.01 27.51
N LYS A 53 -10.81 24.11 27.51
CA LYS A 53 -11.04 22.76 27.99
C LYS A 53 -11.28 22.72 29.50
N GLY A 54 -10.85 23.73 30.23
CA GLY A 54 -11.08 23.79 31.66
C GLY A 54 -12.33 24.50 32.09
N ALA A 55 -13.12 25.03 31.16
CA ALA A 55 -14.30 25.80 31.52
C ALA A 55 -15.41 24.89 32.03
N ASP A 56 -16.18 25.42 32.98
CA ASP A 56 -17.33 24.74 33.55
C ASP A 56 -18.54 25.05 32.69
N ILE A 57 -19.03 24.05 31.96
CA ILE A 57 -20.11 24.27 30.98
C ILE A 57 -21.33 24.87 31.66
N ALA A 58 -21.64 24.41 32.88
CA ALA A 58 -22.87 24.85 33.54
C ALA A 58 -22.89 26.36 33.74
N LEU A 59 -21.72 26.97 33.93
CA LEU A 59 -21.65 28.41 34.19
C LEU A 59 -21.66 29.25 32.91
N LEU A 60 -21.76 28.62 31.74
CA LEU A 60 -21.68 29.43 30.53
C LEU A 60 -23.08 29.80 30.04
N PRO A 61 -23.25 30.99 29.49
CA PRO A 61 -24.60 31.40 29.04
C PRO A 61 -25.02 30.64 27.79
N LEU A 62 -26.32 30.35 27.73
CA LEU A 62 -26.91 29.76 26.53
C LEU A 62 -26.95 30.79 25.40
N VAL A 63 -26.58 30.35 24.20
CA VAL A 63 -26.70 31.22 23.04
C VAL A 63 -28.11 31.11 22.50
N GLU A 64 -28.81 32.25 22.42
CA GLU A 64 -30.17 32.28 21.90
C GLU A 64 -30.16 32.42 20.39
N GLY A 65 -31.28 32.08 19.78
CA GLY A 65 -31.39 32.11 18.35
C GLY A 65 -30.73 30.90 17.72
N GLU A 66 -30.55 30.98 16.41
CA GLU A 66 -29.93 29.91 15.62
C GLU A 66 -28.83 30.54 14.79
N PRO A 67 -27.71 30.89 15.40
CA PRO A 67 -26.64 31.56 14.65
C PRO A 67 -25.99 30.61 13.66
N ARG A 68 -25.34 31.20 12.67
CA ARG A 68 -24.52 30.44 11.74
C ARG A 68 -23.34 29.83 12.46
N TYR A 69 -22.99 28.60 12.09
CA TYR A 69 -21.72 28.02 12.48
C TYR A 69 -20.63 28.44 11.50
N GLY A 70 -19.49 28.89 12.02
CA GLY A 70 -18.32 29.11 11.21
C GLY A 70 -17.42 27.89 11.23
N VAL A 71 -16.27 28.04 10.58
CA VAL A 71 -15.22 27.04 10.80
C VAL A 71 -14.95 26.94 12.29
N PRO A 72 -14.91 25.75 12.90
CA PRO A 72 -14.90 25.68 14.36
C PRO A 72 -13.58 26.02 15.02
N VAL A 73 -12.50 26.20 14.26
CA VAL A 73 -11.23 26.64 14.82
C VAL A 73 -10.69 27.76 13.96
N LYS A 74 -10.15 28.77 14.60
CA LYS A 74 -9.60 29.92 13.90
C LYS A 74 -8.09 29.72 13.73
N GLY A 75 -7.58 30.07 12.55
CA GLY A 75 -6.16 30.01 12.31
C GLY A 75 -5.65 28.73 11.66
N ILE A 76 -6.49 28.01 10.92
CA ILE A 76 -6.01 26.86 10.17
C ILE A 76 -5.03 27.37 9.13
N GLY A 77 -3.77 26.92 9.23
CA GLY A 77 -2.70 27.44 8.39
C GLY A 77 -2.60 26.82 7.02
N LYS A 78 -2.87 25.53 6.92
CA LYS A 78 -2.87 24.85 5.64
C LYS A 78 -3.68 23.57 5.78
N ILE A 79 -4.03 22.98 4.64
CA ILE A 79 -4.87 21.78 4.61
C ILE A 79 -4.16 20.75 3.74
N VAL A 80 -3.78 19.63 4.34
CA VAL A 80 -3.17 18.51 3.62
C VAL A 80 -4.25 17.47 3.41
N ALA A 81 -4.31 16.91 2.20
CA ALA A 81 -5.39 16.00 1.83
C ALA A 81 -4.82 14.68 1.31
N ILE A 82 -5.56 13.60 1.59
CA ILE A 82 -5.16 12.25 1.16
C ILE A 82 -6.02 11.84 -0.03
N GLY A 83 -5.43 11.04 -0.93
CA GLY A 83 -6.20 10.43 -2.01
C GLY A 83 -6.91 9.16 -1.58
N LEU A 84 -6.86 8.12 -2.41
CA LEU A 84 -7.52 6.85 -2.10
C LEU A 84 -7.13 6.36 -0.71
N ASN A 85 -8.13 6.14 0.15
CA ASN A 85 -7.77 5.68 1.50
C ASN A 85 -8.87 4.84 2.17
N TYR A 86 -9.84 4.33 1.42
CA TYR A 86 -10.83 3.42 1.97
C TYR A 86 -10.81 2.15 1.14
N GLU A 87 -10.63 1.01 1.82
CA GLU A 87 -10.50 -0.27 1.12
C GLU A 87 -11.71 -0.57 0.26
N ASP A 88 -12.92 -0.32 0.79
CA ASP A 88 -14.12 -0.57 0.00
C ASP A 88 -14.24 0.40 -1.18
N HIS A 89 -13.63 1.58 -1.08
CA HIS A 89 -13.58 2.47 -2.25
C HIS A 89 -12.63 1.91 -3.32
N ALA A 90 -11.47 1.39 -2.89
CA ALA A 90 -10.55 0.79 -3.85
C ALA A 90 -11.20 -0.37 -4.59
N ILE A 91 -12.00 -1.18 -3.89
CA ILE A 91 -12.65 -2.32 -4.54
C ILE A 91 -13.72 -1.84 -5.51
N GLU A 92 -14.51 -0.85 -5.09
CA GLU A 92 -15.58 -0.37 -5.97
C GLU A 92 -15.03 0.26 -7.23
N SER A 93 -13.87 0.91 -7.13
CA SER A 93 -13.23 1.54 -8.28
C SER A 93 -12.27 0.62 -9.03
N ASN A 94 -12.02 -0.58 -8.51
CA ASN A 94 -11.00 -1.48 -9.04
C ASN A 94 -9.66 -0.74 -9.18
N LEU A 95 -9.19 -0.23 -8.05
CA LEU A 95 -7.93 0.48 -7.97
C LEU A 95 -7.00 -0.22 -6.99
N PRO A 96 -5.69 -0.17 -7.22
CA PRO A 96 -4.75 -0.85 -6.32
C PRO A 96 -4.76 -0.22 -4.95
N ILE A 97 -4.65 -1.07 -3.93
CA ILE A 97 -4.40 -0.61 -2.57
C ILE A 97 -3.04 0.07 -2.60
N PRO A 98 -2.96 1.35 -2.24
CA PRO A 98 -1.67 2.05 -2.30
C PRO A 98 -0.69 1.52 -1.26
N THR A 99 0.60 1.61 -1.57
CA THR A 99 1.64 1.28 -0.60
C THR A 99 2.07 2.48 0.22
N GLU A 100 1.81 3.68 -0.27
CA GLU A 100 1.98 4.90 0.49
C GLU A 100 0.84 5.84 0.16
N PRO A 101 0.49 6.73 1.09
CA PRO A 101 -0.67 7.60 0.87
C PRO A 101 -0.42 8.59 -0.25
N MSE A 102 -1.41 8.73 -1.13
CA MSE A 102 -1.34 9.88 -2.07
C MSE A 102 -1.65 11.14 -1.29
O MSE A 102 -2.61 11.18 -0.53
CB MSE A 102 -2.32 9.74 -3.24
CG MSE A 102 -2.37 11.05 -4.02
SE MSE A 102 -3.65 11.24 -5.48
CE MSE A 102 -2.75 10.22 -6.87
N MSE A 103 -0.83 12.18 -1.47
CA MSE A 103 -1.01 13.46 -0.81
C MSE A 103 -1.21 14.57 -1.84
O MSE A 103 -0.56 14.55 -2.89
CB MSE A 103 0.18 13.81 0.08
CG MSE A 103 0.60 12.79 1.12
SE MSE A 103 2.25 13.43 2.00
CE MSE A 103 1.71 15.25 2.13
N PHE A 104 -2.08 15.52 -1.52
CA PHE A 104 -2.19 16.75 -2.28
C PHE A 104 -2.61 17.86 -1.34
N MSE A 105 -2.47 19.10 -1.79
CA MSE A 105 -2.83 20.22 -0.93
C MSE A 105 -4.18 20.77 -1.35
O MSE A 105 -4.48 20.95 -2.53
CB MSE A 105 -1.77 21.32 -0.97
CG MSE A 105 -0.34 20.83 -0.77
SE MSE A 105 -0.13 20.09 1.02
CE MSE A 105 1.27 21.25 1.56
N LYS A 106 -5.00 21.02 -0.33
CA LYS A 106 -6.31 21.64 -0.49
C LYS A 106 -6.14 23.13 -0.25
N ALA A 107 -6.23 23.95 -1.30
CA ALA A 107 -5.95 25.38 -1.15
C ALA A 107 -6.73 25.97 0.02
N LEU A 108 -6.02 26.71 0.88
CA LEU A 108 -6.65 27.27 2.06
C LEU A 108 -7.86 28.12 1.71
N SER A 109 -7.83 28.77 0.55
CA SER A 109 -8.92 29.63 0.13
C SER A 109 -10.20 28.87 -0.16
N SER A 110 -10.17 27.52 -0.15
CA SER A 110 -11.42 26.77 -0.28
C SER A 110 -12.14 26.61 1.06
N LEU A 111 -11.49 26.91 2.17
CA LEU A 111 -12.09 26.70 3.48
C LEU A 111 -13.38 27.50 3.65
N ASN A 112 -14.39 26.87 4.26
CA ASN A 112 -15.67 27.53 4.45
C ASN A 112 -16.35 26.94 5.67
N GLY A 113 -17.38 27.64 6.15
CA GLY A 113 -18.20 27.15 7.22
C GLY A 113 -18.95 25.89 6.81
N PRO A 114 -19.45 25.15 7.80
CA PRO A 114 -19.98 23.80 7.52
C PRO A 114 -21.24 23.80 6.73
N ASN A 115 -22.09 24.81 6.87
CA ASN A 115 -23.35 24.88 6.16
C ASN A 115 -23.37 25.99 5.13
N ASP A 116 -22.20 26.52 4.77
CA ASP A 116 -22.12 27.63 3.84
C ASP A 116 -22.37 27.17 2.40
N GLU A 117 -22.93 28.08 1.60
CA GLU A 117 -23.27 27.78 0.22
C GLU A 117 -22.07 27.29 -0.56
N VAL A 118 -22.27 26.29 -1.41
CA VAL A 118 -21.23 25.81 -2.31
C VAL A 118 -21.49 26.42 -3.69
N VAL A 119 -20.55 27.21 -4.18
CA VAL A 119 -20.67 27.87 -5.48
C VAL A 119 -19.84 27.10 -6.49
N LEU A 120 -20.50 26.56 -7.51
CA LEU A 120 -19.80 25.82 -8.56
C LEU A 120 -18.89 26.76 -9.35
N PRO A 121 -17.71 26.31 -9.75
CA PRO A 121 -16.88 27.17 -10.60
C PRO A 121 -17.45 27.32 -12.00
N LYS A 122 -16.81 28.14 -12.82
CA LYS A 122 -17.33 28.44 -14.14
C LYS A 122 -17.42 27.18 -14.99
N ASN A 123 -18.55 27.02 -15.68
CA ASN A 123 -18.78 25.93 -16.63
C ASN A 123 -18.69 24.55 -15.98
N SER A 124 -18.94 24.45 -14.68
CA SER A 124 -18.75 23.19 -13.99
C SER A 124 -19.92 22.25 -14.26
N THR A 125 -19.62 21.09 -14.83
CA THR A 125 -20.55 19.96 -14.94
C THR A 125 -19.98 18.69 -14.32
N HIS A 126 -18.85 18.79 -13.59
CA HIS A 126 -18.22 17.63 -12.95
C HIS A 126 -18.04 17.86 -11.45
N GLY A 127 -18.89 18.68 -10.84
CA GLY A 127 -18.80 18.87 -9.39
C GLY A 127 -19.17 17.60 -8.65
N ASP A 128 -18.43 17.31 -7.57
CA ASP A 128 -18.58 16.04 -6.86
C ASP A 128 -18.39 16.24 -5.36
N TRP A 129 -18.91 15.28 -4.60
CA TRP A 129 -18.91 15.27 -3.14
C TRP A 129 -17.92 14.24 -2.61
N GLU A 130 -17.36 14.50 -1.41
CA GLU A 130 -16.49 13.55 -0.69
C GLU A 130 -16.59 13.84 0.81
N VAL A 131 -17.42 13.09 1.54
CA VAL A 131 -17.40 13.22 3.00
C VAL A 131 -16.11 12.61 3.54
N GLU A 132 -15.45 13.33 4.45
CA GLU A 132 -14.18 12.89 5.00
C GLU A 132 -14.05 13.23 6.48
N LEU A 133 -13.29 12.39 7.18
CA LEU A 133 -12.84 12.68 8.54
C LEU A 133 -11.67 13.65 8.50
N GLY A 134 -11.81 14.80 9.16
CA GLY A 134 -10.76 15.79 9.24
C GLY A 134 -10.10 15.72 10.60
N VAL A 135 -8.80 16.00 10.61
CA VAL A 135 -7.95 15.92 11.79
C VAL A 135 -7.30 17.27 11.99
N VAL A 136 -7.52 17.90 13.14
CA VAL A 136 -6.89 19.19 13.45
C VAL A 136 -5.71 18.94 14.37
N ILE A 137 -4.54 19.41 13.95
CA ILE A 137 -3.29 19.18 14.68
C ILE A 137 -3.20 20.14 15.86
N GLY A 138 -2.76 19.62 17.01
CA GLY A 138 -2.58 20.46 18.17
C GLY A 138 -1.14 20.71 18.56
N GLU A 139 -0.23 19.80 18.19
CA GLU A 139 1.19 19.92 18.47
C GLU A 139 1.99 19.61 17.19
N THR A 140 3.12 20.30 17.04
CA THR A 140 3.93 20.17 15.81
C THR A 140 4.26 18.71 15.51
N CYS A 141 4.05 18.31 14.26
CA CYS A 141 4.33 16.97 13.76
C CYS A 141 5.50 17.04 12.80
N ARG A 142 6.65 16.55 13.22
CA ARG A 142 7.84 16.52 12.39
C ARG A 142 8.53 15.19 12.64
N PHE A 143 8.54 14.32 11.63
CA PHE A 143 9.04 12.94 11.72
C PHE A 143 8.55 12.25 12.98
N VAL A 144 7.24 12.24 13.11
CA VAL A 144 6.58 11.66 14.28
C VAL A 144 6.29 10.20 14.01
N SER A 145 6.48 9.35 15.02
CA SER A 145 6.23 7.94 14.83
C SER A 145 4.74 7.65 14.91
N GLU A 146 4.34 6.47 14.42
CA GLU A 146 2.94 6.07 14.53
C GLU A 146 2.50 6.01 15.98
N ASP A 147 3.38 5.51 16.87
CA ASP A 147 3.02 5.31 18.27
C ASP A 147 2.70 6.62 18.98
N GLU A 148 3.28 7.73 18.53
CA GLU A 148 3.06 9.01 19.19
C GLU A 148 2.19 9.96 18.38
N ALA A 149 1.70 9.53 17.21
CA ALA A 149 1.00 10.45 16.31
C ALA A 149 -0.28 11.00 16.94
N LEU A 150 -1.11 10.13 17.50
CA LEU A 150 -2.43 10.58 17.93
C LEU A 150 -2.37 11.55 19.10
N SER A 151 -1.30 11.53 19.89
CA SER A 151 -1.14 12.51 20.96
C SER A 151 -0.95 13.93 20.45
N LYS A 152 -0.66 14.10 19.16
CA LYS A 152 -0.46 15.42 18.56
C LYS A 152 -1.75 16.05 18.07
N VAL A 153 -2.88 15.37 18.25
CA VAL A 153 -4.16 15.74 17.65
C VAL A 153 -4.93 16.61 18.63
N ALA A 154 -5.36 17.79 18.15
CA ALA A 154 -6.26 18.65 18.92
C ALA A 154 -7.69 18.15 18.88
N GLY A 155 -8.14 17.65 17.75
CA GLY A 155 -9.50 17.12 17.67
C GLY A 155 -9.84 16.76 16.24
N TYR A 156 -11.09 16.34 16.06
CA TYR A 156 -11.58 15.87 14.77
C TYR A 156 -12.72 16.74 14.30
N VAL A 157 -12.86 16.86 12.96
CA VAL A 157 -13.88 17.69 12.35
C VAL A 157 -14.46 16.98 11.13
N LEU A 158 -15.71 17.30 10.83
CA LEU A 158 -16.37 16.82 9.62
C LEU A 158 -16.02 17.72 8.44
N VAL A 159 -15.75 17.10 7.30
CA VAL A 159 -15.31 17.82 6.11
C VAL A 159 -16.04 17.28 4.89
N ASN A 160 -16.29 18.17 3.93
CA ASN A 160 -16.70 17.80 2.58
C ASN A 160 -15.59 18.26 1.65
N ASP A 161 -14.86 17.31 1.05
CA ASP A 161 -13.78 17.61 0.12
C ASP A 161 -14.39 17.76 -1.27
N VAL A 162 -15.09 18.88 -1.46
CA VAL A 162 -15.78 19.12 -2.72
C VAL A 162 -14.76 19.20 -3.83
N SER A 163 -15.10 18.62 -4.98
CA SER A 163 -14.16 18.35 -6.05
C SER A 163 -14.79 18.72 -7.38
N GLU A 164 -13.99 19.27 -8.28
CA GLU A 164 -14.39 19.46 -9.68
C GLU A 164 -13.55 18.50 -10.51
N ARG A 165 -14.17 17.40 -10.97
CA ARG A 165 -13.39 16.30 -11.52
C ARG A 165 -12.74 16.65 -12.85
N PHE A 166 -13.35 17.53 -13.65
CA PHE A 166 -12.70 17.93 -14.90
C PHE A 166 -11.45 18.75 -14.61
N ASN A 167 -11.58 19.77 -13.77
CA ASN A 167 -10.42 20.57 -13.38
C ASN A 167 -9.39 19.74 -12.65
N GLN A 168 -9.83 18.70 -11.93
CA GLN A 168 -8.92 17.87 -11.15
C GLN A 168 -8.08 16.95 -12.02
N LYS A 169 -8.67 16.41 -13.10
CA LYS A 169 -8.01 15.34 -13.84
C LYS A 169 -7.89 15.56 -15.34
N GLN A 170 -8.59 16.53 -15.92
CA GLN A 170 -8.56 16.72 -17.37
C GLN A 170 -7.87 18.02 -17.78
N ARG A 171 -7.20 18.70 -16.83
CA ARG A 171 -6.38 19.88 -17.09
C ARG A 171 -4.95 19.68 -16.60
N GLY A 172 -4.45 18.45 -16.68
CA GLY A 172 -3.17 18.09 -16.12
C GLY A 172 -3.30 17.00 -15.09
N THR A 173 -2.15 16.59 -14.54
CA THR A 173 -2.12 15.50 -13.57
C THR A 173 -2.25 15.95 -12.12
N GLN A 174 -2.19 17.24 -11.83
CA GLN A 174 -2.18 17.70 -10.44
C GLN A 174 -3.60 17.95 -9.96
N TRP A 175 -4.01 17.19 -8.94
CA TRP A 175 -5.39 17.23 -8.45
C TRP A 175 -5.79 18.58 -7.86
N SER A 176 -4.84 19.33 -7.29
CA SER A 176 -5.21 20.52 -6.54
C SER A 176 -5.94 21.55 -7.39
N LYS A 177 -5.71 21.53 -8.71
CA LYS A 177 -6.39 22.43 -9.62
C LYS A 177 -7.90 22.30 -9.60
N GLY A 178 -8.42 21.14 -9.22
CA GLY A 178 -9.87 20.97 -9.12
C GLY A 178 -10.34 20.81 -7.68
N LYS A 179 -9.49 21.19 -6.73
CA LYS A 179 -9.78 21.00 -5.32
C LYS A 179 -9.81 22.30 -4.54
N GLY A 180 -9.29 23.40 -5.09
CA GLY A 180 -9.07 24.61 -4.35
C GLY A 180 -10.09 25.70 -4.57
N HIS A 181 -11.13 25.42 -5.35
CA HIS A 181 -12.13 26.41 -5.67
C HIS A 181 -12.75 26.99 -4.41
N ASP A 182 -13.05 28.30 -4.46
CA ASP A 182 -13.82 28.93 -3.39
C ASP A 182 -15.01 28.07 -3.00
N THR A 183 -15.19 27.89 -1.70
CA THR A 183 -16.31 27.22 -1.02
C THR A 183 -16.18 25.70 -1.08
N PHE A 184 -15.09 25.14 -1.62
CA PHE A 184 -15.03 23.68 -1.80
C PHE A 184 -14.47 22.93 -0.59
N CYS A 185 -14.34 23.55 0.58
CA CYS A 185 -13.93 22.81 1.78
C CYS A 185 -14.73 23.25 3.00
N PRO A 186 -16.02 22.94 3.04
CA PRO A 186 -16.79 23.22 4.26
C PRO A 186 -16.29 22.34 5.40
N VAL A 187 -16.05 22.96 6.56
CA VAL A 187 -15.45 22.27 7.71
C VAL A 187 -16.27 22.59 8.96
N GLY A 188 -16.68 21.57 9.68
CA GLY A 188 -17.42 21.75 10.91
C GLY A 188 -18.61 20.82 10.95
N PRO A 189 -19.53 21.04 11.90
CA PRO A 189 -19.64 22.24 12.74
C PRO A 189 -18.83 22.26 14.03
N TRP A 190 -18.25 21.13 14.44
CA TRP A 190 -17.61 21.06 15.74
C TRP A 190 -16.17 20.56 15.63
N LEU A 191 -15.31 21.14 16.44
CA LEU A 191 -13.99 20.56 16.70
C LEU A 191 -14.17 19.66 17.91
N VAL A 192 -14.06 18.35 17.71
CA VAL A 192 -14.38 17.39 18.77
C VAL A 192 -13.08 16.78 19.27
N THR A 193 -12.78 16.97 20.57
CA THR A 193 -11.48 16.54 21.07
C THR A 193 -11.44 15.02 21.23
N PRO A 194 -10.25 14.43 21.24
CA PRO A 194 -10.16 12.96 21.14
C PRO A 194 -10.89 12.21 22.23
N ASP A 195 -10.95 12.73 23.46
CA ASP A 195 -11.63 12.00 24.54
C ASP A 195 -13.12 11.84 24.28
N GLU A 196 -13.71 12.73 23.49
CA GLU A 196 -15.12 12.58 23.17
C GLU A 196 -15.32 11.75 21.91
N VAL A 197 -14.38 11.81 20.96
CA VAL A 197 -14.53 11.01 19.75
C VAL A 197 -14.39 9.53 20.06
N GLY A 198 -13.46 9.18 20.95
CA GLY A 198 -13.09 7.79 21.10
C GLY A 198 -12.20 7.36 19.95
N ASP A 199 -12.28 6.09 19.61
CA ASP A 199 -11.47 5.53 18.53
C ASP A 199 -11.86 6.16 17.20
N PRO A 200 -10.97 6.88 16.53
CA PRO A 200 -11.33 7.48 15.24
C PRO A 200 -11.51 6.46 14.14
N GLN A 201 -10.99 5.24 14.32
CA GLN A 201 -11.13 4.19 13.34
C GLN A 201 -12.39 3.36 13.52
N ASP A 202 -13.41 3.89 14.23
CA ASP A 202 -14.70 3.18 14.26
C ASP A 202 -15.82 4.21 14.36
N LEU A 203 -16.00 4.98 13.29
CA LEU A 203 -17.04 6.00 13.22
C LEU A 203 -17.82 5.81 11.92
N ASP A 204 -19.15 5.87 12.01
CA ASP A 204 -19.97 5.74 10.81
C ASP A 204 -19.98 7.06 10.02
N VAL A 205 -20.02 6.93 8.70
CA VAL A 205 -19.88 8.03 7.76
C VAL A 205 -21.03 7.99 6.77
N HIS A 206 -21.57 9.16 6.40
CA HIS A 206 -22.56 9.15 5.31
C HIS A 206 -22.63 10.51 4.62
N LEU A 207 -23.19 10.49 3.41
CA LEU A 207 -23.49 11.70 2.65
C LEU A 207 -24.68 11.43 1.74
N ASP A 208 -25.67 12.31 1.77
CA ASP A 208 -26.85 12.26 0.93
C ASP A 208 -26.85 13.45 -0.02
N VAL A 209 -27.47 13.26 -1.18
CA VAL A 209 -27.69 14.34 -2.15
C VAL A 209 -29.17 14.34 -2.50
N ASN A 210 -29.83 15.48 -2.23
CA ASN A 210 -31.27 15.61 -2.42
C ASN A 210 -32.02 14.50 -1.69
N GLY A 211 -31.55 14.17 -0.49
CA GLY A 211 -32.20 13.20 0.36
C GLY A 211 -31.90 11.76 0.03
N GLU A 212 -31.18 11.49 -1.04
CA GLU A 212 -30.88 10.13 -1.47
C GLU A 212 -29.46 9.76 -1.04
N ARG A 213 -29.30 8.60 -0.43
CA ARG A 213 -28.01 8.25 0.14
C ARG A 213 -27.00 7.95 -0.96
N MSE A 214 -25.87 8.67 -0.96
CA MSE A 214 -24.81 8.48 -1.95
C MSE A 214 -23.59 7.75 -1.39
O MSE A 214 -23.10 6.79 -2.00
CB MSE A 214 -24.39 9.82 -2.55
CG MSE A 214 -25.52 10.51 -3.23
SE MSE A 214 -26.00 9.60 -4.90
CE MSE A 214 -27.32 8.35 -4.44
N GLN A 215 -23.09 8.18 -0.23
CA GLN A 215 -21.94 7.55 0.39
C GLN A 215 -22.36 6.95 1.72
N THR A 216 -21.97 5.70 1.96
CA THR A 216 -22.07 5.06 3.26
C THR A 216 -20.76 4.38 3.59
N GLY A 217 -20.28 4.56 4.81
CA GLY A 217 -19.07 3.87 5.19
C GLY A 217 -18.82 3.93 6.68
N ASN A 218 -17.65 3.44 7.05
CA ASN A 218 -17.18 3.48 8.41
C ASN A 218 -15.66 3.56 8.35
N THR A 219 -15.08 4.38 9.23
CA THR A 219 -13.64 4.60 9.20
C THR A 219 -12.83 3.34 9.50
N LYS A 220 -13.45 2.25 9.95
CA LYS A 220 -12.70 1.03 10.14
C LYS A 220 -12.16 0.46 8.83
N THR A 221 -12.67 0.88 7.68
CA THR A 221 -12.11 0.42 6.41
C THR A 221 -11.05 1.38 5.85
N MSE A 222 -10.60 2.37 6.61
CA MSE A 222 -9.44 3.15 6.19
C MSE A 222 -8.24 2.28 5.90
O MSE A 222 -7.97 1.33 6.63
CB MSE A 222 -8.99 4.19 7.22
CG MSE A 222 -9.34 5.57 6.88
SE MSE A 222 -8.50 6.84 8.13
CE MSE A 222 -10.14 7.61 8.71
N ILE A 223 -7.51 2.63 4.84
CA ILE A 223 -6.33 1.86 4.48
C ILE A 223 -5.16 2.23 5.36
N PHE A 224 -4.85 3.52 5.44
CA PHE A 224 -3.90 4.07 6.40
C PHE A 224 -4.71 4.73 7.52
N ASN A 225 -4.51 4.29 8.77
CA ASN A 225 -5.28 4.95 9.83
C ASN A 225 -4.71 6.33 10.10
N VAL A 226 -5.39 7.08 10.98
CA VAL A 226 -5.02 8.48 11.23
C VAL A 226 -3.57 8.56 11.71
N ALA A 227 -3.19 7.70 12.64
CA ALA A 227 -1.83 7.73 13.17
C ALA A 227 -0.80 7.48 12.07
N GLN A 228 -1.05 6.50 11.19
CA GLN A 228 -0.11 6.22 10.12
C GLN A 228 -0.03 7.36 9.12
N LEU A 229 -1.17 8.00 8.84
CA LEU A 229 -1.17 9.15 7.94
C LEU A 229 -0.35 10.30 8.51
N ILE A 230 -0.62 10.68 9.78
CA ILE A 230 0.14 11.73 10.44
C ILE A 230 1.63 11.41 10.40
N SER A 231 1.99 10.17 10.74
CA SER A 231 3.39 9.77 10.75
C SER A 231 4.02 9.93 9.38
N TYR A 232 3.35 9.42 8.33
CA TYR A 232 3.90 9.48 6.98
C TYR A 232 4.02 10.91 6.50
N VAL A 233 2.93 11.67 6.58
CA VAL A 233 2.91 13.05 6.10
C VAL A 233 4.03 13.87 6.74
N SER A 234 4.26 13.65 8.05
CA SER A 234 5.24 14.43 8.79
C SER A 234 6.67 14.21 8.33
N GLU A 235 6.91 13.23 7.46
CA GLU A 235 8.23 13.05 6.88
C GLU A 235 8.44 13.90 5.63
N TYR A 236 7.37 14.46 5.09
CA TYR A 236 7.43 15.26 3.87
C TYR A 236 7.06 16.72 4.10
N ILE A 237 6.17 16.99 5.03
CA ILE A 237 5.77 18.34 5.39
C ILE A 237 5.59 18.37 6.89
N THR A 238 6.02 19.45 7.53
CA THR A 238 5.75 19.64 8.95
C THR A 238 4.33 20.11 9.14
N LEU A 239 3.60 19.47 10.06
CA LEU A 239 2.27 19.91 10.43
C LEU A 239 2.36 20.74 11.69
N TYR A 240 1.80 21.94 11.67
CA TYR A 240 1.85 22.83 12.82
C TYR A 240 0.48 22.89 13.49
N PRO A 241 0.44 23.36 14.75
CA PRO A 241 -0.86 23.51 15.42
C PRO A 241 -1.85 24.31 14.59
N GLY A 242 -3.06 23.75 14.50
CA GLY A 242 -4.11 24.32 13.70
C GLY A 242 -4.19 23.80 12.27
N ASP A 243 -3.17 23.08 11.80
CA ASP A 243 -3.27 22.52 10.45
C ASP A 243 -4.36 21.45 10.39
N LEU A 244 -4.97 21.31 9.22
CA LEU A 244 -6.05 20.38 8.99
C LEU A 244 -5.60 19.28 8.04
N MSE A 245 -5.82 18.03 8.40
CA MSE A 245 -5.55 16.93 7.47
C MSE A 245 -6.87 16.23 7.15
O MSE A 245 -7.57 15.83 8.06
CB MSE A 245 -4.54 15.94 8.06
CG MSE A 245 -4.11 14.83 7.08
SE MSE A 245 -2.94 13.51 7.94
CE MSE A 245 -4.18 12.81 9.30
N ILE A 246 -7.23 16.07 5.87
CA ILE A 246 -8.46 15.38 5.52
C ILE A 246 -8.08 14.02 4.93
N THR A 247 -8.74 12.97 5.42
CA THR A 247 -8.17 11.63 5.38
C THR A 247 -8.76 10.72 4.31
N GLY A 248 -9.49 11.28 3.33
CA GLY A 248 -10.03 10.51 2.23
C GLY A 248 -11.50 10.18 2.45
N THR A 249 -12.05 9.46 1.48
CA THR A 249 -13.50 9.32 1.44
C THR A 249 -13.94 7.88 1.16
N PRO A 250 -15.07 7.47 1.74
CA PRO A 250 -15.61 6.13 1.50
C PRO A 250 -16.18 6.01 0.09
N PRO A 251 -16.68 4.84 -0.31
CA PRO A 251 -17.25 4.73 -1.66
C PRO A 251 -18.47 5.61 -1.83
N GLY A 252 -18.85 5.81 -3.09
CA GLY A 252 -20.09 6.45 -3.44
C GLY A 252 -19.97 7.86 -3.97
N VAL A 253 -18.77 8.30 -4.34
CA VAL A 253 -18.63 9.58 -5.00
C VAL A 253 -19.37 9.53 -6.34
N GLY A 254 -19.85 10.69 -6.78
CA GLY A 254 -20.62 10.76 -8.02
C GLY A 254 -19.83 10.28 -9.23
N GLU A 255 -18.54 10.55 -9.26
CA GLU A 255 -17.68 10.14 -10.38
C GLU A 255 -17.70 8.63 -10.59
N GLY A 256 -17.96 7.86 -9.55
CA GLY A 256 -17.95 6.42 -9.60
C GLY A 256 -19.30 5.75 -9.77
N LYS A 257 -20.38 6.52 -9.91
CA LYS A 257 -21.70 5.91 -10.05
C LYS A 257 -21.82 5.15 -11.36
N LYS A 258 -22.66 4.11 -11.34
CA LYS A 258 -22.84 3.20 -12.47
C LYS A 258 -24.32 3.08 -12.80
N PRO A 259 -24.68 3.00 -14.08
CA PRO A 259 -23.79 2.91 -15.25
C PRO A 259 -23.13 4.22 -15.67
N GLN A 260 -23.61 5.37 -15.22
CA GLN A 260 -22.93 6.61 -15.57
C GLN A 260 -22.68 7.47 -14.35
N ALA A 261 -21.60 8.23 -14.42
CA ALA A 261 -21.27 9.17 -13.35
C ALA A 261 -22.41 10.16 -13.14
N ILE A 262 -22.55 10.62 -11.90
CA ILE A 262 -23.56 11.60 -11.54
C ILE A 262 -22.86 12.74 -10.84
N TYR A 263 -23.16 13.97 -11.24
CA TYR A 263 -22.45 15.14 -10.73
C TYR A 263 -23.44 16.15 -10.17
N LEU A 264 -22.88 17.11 -9.44
CA LEU A 264 -23.65 18.17 -8.83
C LEU A 264 -24.24 19.12 -9.87
N LYS A 265 -25.40 19.68 -9.54
CA LYS A 265 -25.99 20.75 -10.34
C LYS A 265 -26.54 21.81 -9.41
N ALA A 266 -26.69 23.01 -9.96
CA ALA A 266 -27.31 24.12 -9.25
C ALA A 266 -28.65 23.69 -8.65
N GLY A 267 -28.84 23.99 -7.37
CA GLY A 267 -30.03 23.61 -6.66
C GLY A 267 -29.90 22.32 -5.85
N ASP A 268 -28.86 21.52 -6.10
CA ASP A 268 -28.65 20.31 -5.31
C ASP A 268 -28.37 20.65 -3.86
N VAL A 269 -28.70 19.71 -2.97
CA VAL A 269 -28.48 19.86 -1.53
C VAL A 269 -27.66 18.67 -1.08
N MSE A 270 -26.52 18.94 -0.43
CA MSE A 270 -25.71 17.87 0.16
C MSE A 270 -25.92 17.87 1.66
O MSE A 270 -25.93 18.92 2.30
CB MSE A 270 -24.22 18.04 -0.16
CG MSE A 270 -23.90 17.94 -1.67
SE MSE A 270 -22.00 18.15 -2.13
CE MSE A 270 -21.85 20.07 -1.87
N GLU A 271 -26.12 16.68 2.23
CA GLU A 271 -26.20 16.52 3.68
C GLU A 271 -25.26 15.40 4.09
N LEU A 272 -24.43 15.63 5.10
CA LEU A 272 -23.43 14.61 5.43
C LEU A 272 -23.19 14.61 6.92
N GLY A 273 -22.65 13.51 7.42
CA GLY A 273 -22.32 13.43 8.83
C GLY A 273 -21.31 12.34 9.11
N ILE A 274 -20.62 12.49 10.23
CA ILE A 274 -19.79 11.43 10.78
C ILE A 274 -20.11 11.32 12.24
N GLU A 275 -20.26 10.09 12.72
CA GLU A 275 -20.58 9.83 14.13
C GLU A 275 -19.66 10.62 15.05
N LYS A 276 -20.26 11.31 16.05
CA LYS A 276 -19.67 12.18 17.06
C LYS A 276 -19.32 13.58 16.52
N LEU A 277 -19.37 13.82 15.22
CA LEU A 277 -18.85 15.06 14.65
C LEU A 277 -19.92 15.98 14.11
N GLY A 278 -21.20 15.63 14.27
CA GLY A 278 -22.26 16.50 13.83
C GLY A 278 -22.59 16.29 12.36
N THR A 279 -23.23 17.30 11.77
CA THR A 279 -23.73 17.20 10.41
C THR A 279 -23.51 18.51 9.67
N GLN A 280 -23.45 18.41 8.34
CA GLN A 280 -23.38 19.56 7.46
C GLN A 280 -24.52 19.51 6.46
N ARG A 281 -24.91 20.69 5.98
CA ARG A 281 -25.86 20.80 4.86
C ARG A 281 -25.39 21.96 3.98
N GLN A 282 -25.12 21.69 2.71
CA GLN A 282 -24.78 22.76 1.76
C GLN A 282 -25.76 22.78 0.60
N GLN A 283 -26.21 23.99 0.25
CA GLN A 283 -26.91 24.23 -1.00
C GLN A 283 -25.90 24.61 -2.08
N VAL A 284 -26.10 24.06 -3.27
CA VAL A 284 -25.19 24.23 -4.41
C VAL A 284 -25.77 25.29 -5.34
N SER A 285 -24.95 26.27 -5.72
CA SER A 285 -25.36 27.32 -6.66
C SER A 285 -24.49 27.34 -7.90
N GLU A 286 -25.06 27.85 -9.00
CA GLU A 286 -24.27 28.11 -10.19
C GLU A 286 -23.23 29.18 -9.91
N TRP A 287 -22.21 29.21 -10.76
CA TRP A 287 -21.13 30.17 -10.61
C TRP A 287 -21.66 31.60 -10.65
N ARG A 288 -21.04 32.45 -9.84
CA ARG A 288 -21.16 33.89 -9.97
C ARG A 288 -19.83 34.48 -9.53
N HIS A 289 -19.59 35.73 -9.93
CA HIS A 289 -18.37 36.37 -9.48
C HIS A 289 -18.54 36.76 -8.02
N LEU A 290 -17.69 36.20 -7.15
CA LEU A 290 -17.83 36.42 -5.73
C LEU A 290 -17.21 37.75 -5.27
N GLY A 291 -16.73 38.57 -6.20
CA GLY A 291 -16.30 39.90 -5.83
C GLY A 291 -15.05 39.91 -4.98
N ASP A 292 -15.07 40.72 -3.92
CA ASP A 292 -13.93 40.80 -3.01
C ASP A 292 -14.17 40.04 -1.72
N GLU A 293 -15.16 39.15 -1.71
CA GLU A 293 -15.52 38.45 -0.48
C GLU A 293 -14.40 37.52 -0.06
N VAL A 294 -14.19 37.43 1.26
CA VAL A 294 -13.24 36.51 1.85
C VAL A 294 -14.01 35.46 2.63
N PHE A 295 -13.61 34.21 2.47
CA PHE A 295 -14.36 33.12 3.08
C PHE A 295 -13.61 32.60 4.29
N GLY A 296 -13.70 31.30 4.56
CA GLY A 296 -12.95 30.75 5.68
C GLY A 296 -13.61 31.00 7.04
N SER B 12 11.07 50.85 -4.88
CA SER B 12 11.47 50.60 -3.50
C SER B 12 11.71 49.11 -3.23
N LYS B 13 12.70 48.83 -2.40
CA LYS B 13 13.06 47.48 -2.02
C LYS B 13 12.85 47.34 -0.52
N PHE B 14 11.95 46.45 -0.13
CA PHE B 14 11.59 46.28 1.27
C PHE B 14 12.14 44.95 1.76
N CYS B 15 12.37 44.87 3.07
CA CYS B 15 12.95 43.66 3.65
C CYS B 15 12.47 43.51 5.08
N ARG B 16 12.83 42.37 5.68
CA ARG B 16 12.63 42.11 7.09
C ARG B 16 13.92 41.54 7.64
N PHE B 17 14.38 42.10 8.75
CA PHE B 17 15.72 41.81 9.25
C PHE B 17 15.66 41.43 10.72
N GLY B 18 16.56 40.55 11.12
CA GLY B 18 16.64 40.05 12.47
C GLY B 18 16.51 38.55 12.52
N GLN B 19 16.58 38.02 13.74
CA GLN B 19 16.47 36.58 13.94
C GLN B 19 15.04 36.11 13.68
N ARG B 20 14.92 34.83 13.35
CA ARG B 20 13.63 34.21 13.06
C ARG B 20 12.64 34.43 14.19
N GLY B 21 11.42 34.86 13.83
CA GLY B 21 10.41 35.18 14.81
C GLY B 21 10.57 36.53 15.47
N GLN B 22 11.60 37.28 15.11
CA GLN B 22 11.87 38.57 15.73
C GLN B 22 12.13 39.66 14.70
N GLU B 23 11.77 39.42 13.44
CA GLU B 23 12.16 40.34 12.38
C GLU B 23 11.47 41.69 12.54
N LYS B 24 12.12 42.71 12.02
CA LYS B 24 11.63 44.08 11.95
C LYS B 24 11.53 44.52 10.50
N PRO B 25 10.67 45.50 10.19
CA PRO B 25 10.52 45.94 8.80
C PRO B 25 11.64 46.90 8.40
N GLY B 26 12.10 46.76 7.15
CA GLY B 26 13.18 47.58 6.66
C GLY B 26 13.01 47.96 5.21
N ILE B 27 13.81 48.95 4.80
CA ILE B 27 13.87 49.38 3.41
C ILE B 27 15.33 49.60 3.06
N ILE B 28 15.68 49.30 1.81
CA ILE B 28 17.06 49.42 1.35
C ILE B 28 17.27 50.82 0.80
N ASP B 29 18.25 51.56 1.35
CA ASP B 29 18.47 52.92 0.88
C ASP B 29 19.36 52.92 -0.36
N ALA B 30 19.67 54.13 -0.85
CA ALA B 30 20.40 54.28 -2.11
C ALA B 30 21.81 53.72 -2.03
N ASP B 31 22.39 53.63 -0.83
CA ASP B 31 23.71 53.07 -0.63
C ASP B 31 23.72 51.56 -0.41
N GLY B 32 22.54 50.94 -0.40
CA GLY B 32 22.44 49.51 -0.14
C GLY B 32 22.34 49.14 1.32
N ASN B 33 22.19 50.11 2.21
CA ASN B 33 22.07 49.84 3.63
C ASN B 33 20.61 49.69 4.04
N ILE B 34 20.39 48.90 5.08
CA ILE B 34 19.07 48.73 5.64
C ILE B 34 18.74 49.91 6.52
N ARG B 35 17.53 50.46 6.37
CA ARG B 35 16.99 51.46 7.28
C ARG B 35 15.78 50.88 7.99
N ASP B 36 15.64 51.19 9.27
CA ASP B 36 14.59 50.62 10.11
C ASP B 36 13.28 51.36 9.87
N LEU B 37 12.23 50.63 9.50
CA LEU B 37 10.90 51.18 9.26
C LEU B 37 10.01 51.15 10.49
N SER B 38 10.50 50.65 11.63
CA SER B 38 9.64 50.40 12.78
C SER B 38 8.92 51.67 13.26
N GLY B 39 9.54 52.83 13.08
CA GLY B 39 8.89 54.07 13.46
C GLY B 39 7.74 54.46 12.56
N VAL B 40 7.62 53.82 11.40
CA VAL B 40 6.56 54.10 10.44
C VAL B 40 5.49 53.02 10.45
N VAL B 41 5.91 51.75 10.40
CA VAL B 41 4.97 50.62 10.45
C VAL B 41 5.49 49.59 11.43
N PRO B 42 4.62 48.89 12.17
CA PRO B 42 5.12 47.86 13.07
C PRO B 42 5.64 46.63 12.34
N GLU B 43 5.08 46.29 11.17
CA GLU B 43 5.46 45.11 10.41
C GLU B 43 5.40 45.41 8.93
N LEU B 44 6.14 44.63 8.14
CA LEU B 44 6.12 44.78 6.68
C LEU B 44 5.10 43.80 6.12
N THR B 45 3.85 44.25 6.07
CA THR B 45 2.76 43.51 5.47
C THR B 45 2.33 44.21 4.19
N ILE B 46 1.52 43.52 3.39
CA ILE B 46 0.98 44.13 2.19
C ILE B 46 0.19 45.38 2.54
N ASP B 47 -0.58 45.33 3.63
CA ASP B 47 -1.33 46.50 4.07
C ASP B 47 -0.43 47.65 4.46
N ALA B 48 0.80 47.36 4.89
CA ALA B 48 1.73 48.39 5.33
C ALA B 48 2.49 49.04 4.18
N LEU B 49 2.39 48.52 2.96
CA LEU B 49 3.28 48.96 1.89
C LEU B 49 3.10 50.43 1.55
N ALA B 50 1.86 50.91 1.49
CA ALA B 50 1.64 52.31 1.13
C ALA B 50 2.32 53.24 2.11
N ALA B 51 2.12 53.02 3.40
CA ALA B 51 2.77 53.85 4.42
C ALA B 51 4.29 53.69 4.35
N ALA B 52 4.77 52.46 4.13
CA ALA B 52 6.20 52.26 4.01
C ALA B 52 6.76 52.92 2.75
N LYS B 53 6.04 52.80 1.63
CA LYS B 53 6.48 53.44 0.40
C LYS B 53 6.44 54.95 0.52
N GLY B 54 5.51 55.49 1.30
CA GLY B 54 5.38 56.92 1.43
C GLY B 54 6.21 57.54 2.54
N ALA B 55 7.10 56.78 3.17
CA ALA B 55 7.89 57.27 4.29
C ALA B 55 9.15 57.98 3.80
N ASP B 56 9.61 58.93 4.63
CA ASP B 56 10.81 59.70 4.35
C ASP B 56 12.02 58.90 4.82
N ILE B 57 12.78 58.36 3.87
CA ILE B 57 13.87 57.45 4.20
C ILE B 57 14.92 58.14 5.07
N ALA B 58 15.12 59.44 4.86
CA ALA B 58 16.10 60.18 5.66
C ALA B 58 15.74 60.18 7.14
N LEU B 59 14.45 60.15 7.48
CA LEU B 59 14.05 60.08 8.88
C LEU B 59 14.43 58.75 9.53
N LEU B 60 14.72 57.71 8.73
CA LEU B 60 14.86 56.34 9.21
C LEU B 60 16.30 56.06 9.65
N PRO B 61 16.50 55.43 10.80
CA PRO B 61 17.86 55.14 11.27
C PRO B 61 18.50 53.97 10.54
N LEU B 62 19.82 54.08 10.36
CA LEU B 62 20.60 52.97 9.83
C LEU B 62 20.54 51.79 10.78
N VAL B 63 20.38 50.59 10.22
CA VAL B 63 20.40 49.39 11.03
C VAL B 63 21.85 49.01 11.30
N GLU B 64 22.18 48.79 12.57
CA GLU B 64 23.54 48.46 12.94
C GLU B 64 23.70 46.95 13.07
N GLY B 65 24.94 46.52 13.00
CA GLY B 65 25.21 45.12 12.78
C GLY B 65 24.87 44.75 11.35
N GLU B 66 25.10 43.49 11.07
CA GLU B 66 24.84 42.90 9.76
C GLU B 66 23.79 41.83 10.01
N PRO B 67 22.53 42.21 10.23
CA PRO B 67 21.51 41.24 10.65
C PRO B 67 21.09 40.33 9.51
N ARG B 68 20.57 39.17 9.92
CA ARG B 68 19.96 38.23 9.00
C ARG B 68 18.79 38.85 8.26
N TYR B 69 18.63 38.48 6.98
CA TYR B 69 17.43 38.80 6.22
C TYR B 69 16.39 37.71 6.46
N GLY B 70 15.16 38.12 6.75
CA GLY B 70 14.05 37.20 6.79
C GLY B 70 13.29 37.20 5.46
N VAL B 71 12.23 36.39 5.43
CA VAL B 71 11.25 36.48 4.35
C VAL B 71 10.83 37.94 4.28
N PRO B 72 10.91 38.61 3.12
CA PRO B 72 10.73 40.07 3.12
C PRO B 72 9.31 40.54 3.33
N VAL B 73 8.31 39.66 3.27
CA VAL B 73 6.92 40.03 3.56
C VAL B 73 6.40 39.14 4.68
N LYS B 74 5.70 39.74 5.63
CA LYS B 74 5.05 39.00 6.69
C LYS B 74 3.63 38.66 6.26
N GLY B 75 3.21 37.44 6.58
CA GLY B 75 1.82 37.08 6.39
C GLY B 75 1.47 36.41 5.10
N ILE B 76 2.45 35.78 4.43
CA ILE B 76 2.15 35.02 3.22
C ILE B 76 1.20 33.88 3.57
N GLY B 77 0.02 33.89 2.95
CA GLY B 77 -1.01 32.93 3.31
C GLY B 77 -0.86 31.57 2.65
N LYS B 78 -0.48 31.57 1.37
CA LYS B 78 -0.25 30.32 0.67
C LYS B 78 0.67 30.61 -0.51
N ILE B 79 1.25 29.53 -1.04
CA ILE B 79 2.20 29.62 -2.15
C ILE B 79 1.70 28.74 -3.29
N VAL B 80 1.38 29.35 -4.43
CA VAL B 80 1.01 28.63 -5.65
C VAL B 80 2.23 28.53 -6.56
N ALA B 81 2.53 27.32 -7.01
CA ALA B 81 3.72 27.06 -7.79
C ALA B 81 3.36 26.61 -9.21
N ILE B 82 4.20 26.98 -10.16
CA ILE B 82 3.97 26.66 -11.57
C ILE B 82 4.96 25.59 -12.00
N GLY B 83 4.50 24.65 -12.82
CA GLY B 83 5.38 23.62 -13.34
C GLY B 83 6.25 24.11 -14.48
N LEU B 84 6.40 23.29 -15.51
CA LEU B 84 7.22 23.65 -16.66
C LEU B 84 6.75 24.97 -17.26
N ASN B 85 7.67 25.96 -17.32
CA ASN B 85 7.24 27.27 -17.82
C ASN B 85 8.34 28.08 -18.52
N TYR B 86 9.40 27.43 -19.01
CA TYR B 86 10.42 28.14 -19.76
C TYR B 86 10.60 27.43 -21.09
N GLU B 87 10.35 28.14 -22.19
CA GLU B 87 10.45 27.54 -23.52
C GLU B 87 11.78 26.83 -23.72
N ASP B 88 12.89 27.48 -23.31
CA ASP B 88 14.19 26.84 -23.47
C ASP B 88 14.36 25.65 -22.54
N HIS B 89 13.66 25.65 -21.40
CA HIS B 89 13.66 24.46 -20.55
C HIS B 89 12.92 23.31 -21.23
N ALA B 90 11.77 23.59 -21.83
CA ALA B 90 11.02 22.55 -22.50
C ALA B 90 11.83 21.92 -23.64
N ILE B 91 12.50 22.75 -24.43
CA ILE B 91 13.32 22.26 -25.53
C ILE B 91 14.46 21.39 -25.00
N GLU B 92 15.15 21.86 -23.96
CA GLU B 92 16.26 21.10 -23.40
C GLU B 92 15.82 19.72 -22.92
N SER B 93 14.68 19.65 -22.23
CA SER B 93 14.16 18.39 -21.73
C SER B 93 13.39 17.61 -22.80
N ASN B 94 13.26 18.17 -24.00
CA ASN B 94 12.50 17.55 -25.09
C ASN B 94 11.06 17.27 -24.68
N LEU B 95 10.45 18.22 -23.98
CA LEU B 95 9.06 18.07 -23.62
C LEU B 95 8.20 19.00 -24.47
N PRO B 96 6.95 18.63 -24.76
CA PRO B 96 6.08 19.55 -25.48
C PRO B 96 5.78 20.79 -24.65
N ILE B 97 5.37 21.84 -25.36
CA ILE B 97 4.97 23.11 -24.76
C ILE B 97 3.59 22.91 -24.12
N PRO B 98 3.44 23.07 -22.81
CA PRO B 98 2.12 22.88 -22.20
C PRO B 98 1.12 23.89 -22.75
N THR B 99 -0.14 23.47 -22.86
CA THR B 99 -1.19 24.36 -23.32
C THR B 99 -1.90 25.09 -22.19
N GLU B 100 -1.80 24.60 -20.95
CA GLU B 100 -2.16 25.41 -19.79
C GLU B 100 -1.16 25.11 -18.68
N PRO B 101 -0.96 26.04 -17.76
CA PRO B 101 0.13 25.86 -16.79
C PRO B 101 -0.18 24.76 -15.80
N MSE B 102 0.83 23.98 -15.48
CA MSE B 102 0.70 23.05 -14.36
C MSE B 102 0.76 23.83 -13.08
O MSE B 102 1.66 24.64 -12.89
CB MSE B 102 1.81 21.99 -14.34
CG MSE B 102 1.80 21.19 -13.03
SE MSE B 102 3.22 19.87 -12.79
CE MSE B 102 2.55 18.52 -14.02
N MSE B 103 -0.21 23.62 -12.20
CA MSE B 103 -0.19 24.23 -10.88
C MSE B 103 -0.03 23.17 -9.81
O MSE B 103 -0.59 22.08 -9.90
CB MSE B 103 -1.50 25.01 -10.62
CG MSE B 103 -1.92 25.92 -11.74
SE MSE B 103 -3.69 26.66 -11.36
CE MSE B 103 -3.53 26.66 -9.44
N PHE B 104 0.76 23.49 -8.79
CA PHE B 104 0.79 22.67 -7.59
C PHE B 104 1.02 23.60 -6.42
N MSE B 105 0.74 23.09 -5.23
CA MSE B 105 0.89 23.93 -4.06
C MSE B 105 2.23 23.71 -3.39
O MSE B 105 2.68 22.57 -3.25
CB MSE B 105 -0.28 23.69 -3.11
CG MSE B 105 -1.60 23.73 -3.86
SE MSE B 105 -2.03 25.56 -4.36
CE MSE B 105 -1.90 26.36 -2.63
N LYS B 106 2.89 24.79 -3.02
CA LYS B 106 4.18 24.74 -2.34
C LYS B 106 3.88 24.94 -0.84
N ALA B 107 4.04 23.87 -0.05
CA ALA B 107 3.63 23.92 1.36
C ALA B 107 4.18 25.16 2.05
N LEU B 108 3.29 25.89 2.72
CA LEU B 108 3.69 27.12 3.41
C LEU B 108 4.83 26.87 4.39
N SER B 109 4.88 25.68 4.99
CA SER B 109 5.92 25.36 5.97
C SER B 109 7.30 25.20 5.34
N SER B 110 7.42 25.21 4.01
CA SER B 110 8.74 25.22 3.40
C SER B 110 9.36 26.61 3.35
N LEU B 111 8.56 27.65 3.60
CA LEU B 111 9.04 29.02 3.55
C LEU B 111 10.26 29.20 4.44
N ASN B 112 11.24 29.94 3.93
CA ASN B 112 12.43 30.20 4.72
C ASN B 112 13.07 31.51 4.28
N GLY B 113 13.99 32.00 5.11
CA GLY B 113 14.73 33.20 4.79
C GLY B 113 15.67 32.98 3.60
N PRO B 114 16.01 34.07 2.93
CA PRO B 114 16.79 33.94 1.67
C PRO B 114 18.12 33.27 1.81
N ASN B 115 18.80 33.44 2.94
CA ASN B 115 20.14 32.91 3.15
C ASN B 115 20.17 31.82 4.20
N ASP B 116 19.01 31.28 4.55
CA ASP B 116 18.92 30.31 5.62
C ASP B 116 19.42 28.95 5.16
N GLU B 117 19.92 28.16 6.12
CA GLU B 117 20.37 26.81 5.84
C GLU B 117 19.28 25.98 5.16
N VAL B 118 19.65 25.20 4.15
CA VAL B 118 18.75 24.23 3.52
C VAL B 118 19.10 22.85 4.07
N VAL B 119 18.15 22.22 4.74
CA VAL B 119 18.32 20.91 5.34
C VAL B 119 17.70 19.88 4.40
N LEU B 120 18.51 18.94 3.93
CA LEU B 120 17.99 17.90 3.05
C LEU B 120 17.12 16.92 3.84
N PRO B 121 16.10 16.36 3.22
CA PRO B 121 15.25 15.37 3.90
C PRO B 121 16.03 14.10 4.21
N LYS B 122 15.43 13.27 5.06
CA LYS B 122 16.09 12.08 5.54
C LYS B 122 16.44 11.15 4.38
N ASN B 123 17.72 10.76 4.31
CA ASN B 123 18.25 9.89 3.26
C ASN B 123 18.07 10.45 1.86
N SER B 124 18.00 11.76 1.72
CA SER B 124 17.75 12.33 0.40
C SER B 124 19.00 12.25 -0.47
N THR B 125 18.84 11.69 -1.67
CA THR B 125 19.88 11.72 -2.69
C THR B 125 19.44 12.41 -3.97
N HIS B 126 18.23 12.96 -4.01
CA HIS B 126 17.73 13.61 -5.22
C HIS B 126 17.37 15.08 -4.97
N GLY B 127 18.02 15.73 -4.01
CA GLY B 127 17.76 17.15 -3.80
C GLY B 127 18.21 17.98 -4.98
N ASP B 128 17.45 19.03 -5.31
CA ASP B 128 17.68 19.77 -6.55
C ASP B 128 17.29 21.23 -6.37
N TRP B 129 17.83 22.07 -7.25
CA TRP B 129 17.68 23.53 -7.19
C TRP B 129 16.78 24.03 -8.31
N GLU B 130 16.13 25.19 -8.07
CA GLU B 130 15.20 25.79 -9.05
C GLU B 130 15.09 27.29 -8.74
N VAL B 131 15.94 28.10 -9.34
CA VAL B 131 15.76 29.55 -9.20
C VAL B 131 14.49 29.97 -9.95
N GLU B 132 13.70 30.84 -9.33
CA GLU B 132 12.41 31.23 -9.88
C GLU B 132 12.10 32.67 -9.52
N LEU B 133 11.36 33.34 -10.41
CA LEU B 133 10.78 34.64 -10.11
C LEU B 133 9.53 34.44 -9.24
N GLY B 134 9.52 35.05 -8.06
CA GLY B 134 8.34 35.06 -7.20
C GLY B 134 7.51 36.32 -7.38
N VAL B 135 6.20 36.16 -7.31
CA VAL B 135 5.25 37.26 -7.44
C VAL B 135 4.42 37.35 -6.17
N VAL B 136 4.47 38.50 -5.50
CA VAL B 136 3.67 38.70 -4.28
C VAL B 136 2.43 39.49 -4.64
N ILE B 137 1.27 38.92 -4.32
CA ILE B 137 -0.02 39.50 -4.70
C ILE B 137 -0.35 40.66 -3.79
N GLY B 138 -0.84 41.75 -4.37
CA GLY B 138 -1.23 42.91 -3.57
C GLY B 138 -2.73 43.13 -3.44
N GLU B 139 -3.50 42.65 -4.41
CA GLU B 139 -4.95 42.82 -4.48
C GLU B 139 -5.59 41.48 -4.83
N THR B 140 -6.75 41.20 -4.25
CA THR B 140 -7.43 39.93 -4.50
C THR B 140 -7.57 39.66 -5.99
N CYS B 141 -7.18 38.45 -6.39
CA CYS B 141 -7.28 37.97 -7.76
C CYS B 141 -8.33 36.88 -7.81
N ARG B 142 -9.50 37.21 -8.36
CA ARG B 142 -10.59 36.27 -8.57
C ARG B 142 -11.11 36.50 -9.98
N PHE B 143 -10.86 35.54 -10.88
CA PHE B 143 -11.23 35.64 -12.31
C PHE B 143 -10.78 36.97 -12.92
N VAL B 144 -9.50 37.25 -12.79
CA VAL B 144 -8.96 38.51 -13.29
C VAL B 144 -8.50 38.34 -14.74
N SER B 145 -8.70 39.37 -15.56
CA SER B 145 -8.29 39.31 -16.94
C SER B 145 -6.77 39.47 -17.07
N GLU B 146 -6.24 38.97 -18.18
CA GLU B 146 -4.80 39.15 -18.43
C GLU B 146 -4.43 40.63 -18.46
N ASP B 147 -5.31 41.47 -19.02
CA ASP B 147 -5.01 42.90 -19.13
C ASP B 147 -4.91 43.57 -17.77
N GLU B 148 -5.67 43.09 -16.77
CA GLU B 148 -5.67 43.70 -15.44
C GLU B 148 -4.73 43.01 -14.45
N ALA B 149 -4.12 41.89 -14.82
CA ALA B 149 -3.45 41.04 -13.82
C ALA B 149 -2.27 41.74 -13.16
N LEU B 150 -1.41 42.38 -13.96
CA LEU B 150 -0.20 42.93 -13.37
C LEU B 150 -0.49 44.03 -12.36
N SER B 151 -1.65 44.68 -12.48
CA SER B 151 -2.04 45.71 -11.51
C SER B 151 -2.35 45.13 -10.14
N LYS B 152 -2.53 43.81 -10.02
CA LYS B 152 -2.78 43.18 -8.74
C LYS B 152 -1.50 42.81 -7.99
N VAL B 153 -0.34 43.10 -8.56
CA VAL B 153 0.93 42.66 -7.99
C VAL B 153 1.45 43.70 -7.02
N ALA B 154 1.86 43.23 -5.83
CA ALA B 154 2.51 44.10 -4.86
C ALA B 154 4.01 44.25 -5.12
N GLY B 155 4.66 43.17 -5.53
CA GLY B 155 6.09 43.23 -5.79
C GLY B 155 6.59 41.88 -6.22
N TYR B 156 7.89 41.83 -6.45
CA TYR B 156 8.56 40.63 -6.94
C TYR B 156 9.65 40.23 -5.95
N VAL B 157 9.92 38.93 -5.88
CA VAL B 157 10.88 38.39 -4.93
C VAL B 157 11.64 37.25 -5.59
N LEU B 158 12.89 37.09 -5.18
CA LEU B 158 13.72 35.96 -5.60
C LEU B 158 13.36 34.71 -4.80
N VAL B 159 13.27 33.58 -5.49
CA VAL B 159 12.86 32.32 -4.87
C VAL B 159 13.77 31.19 -5.33
N ASN B 160 14.02 30.24 -4.44
CA ASN B 160 14.59 28.94 -4.79
C ASN B 160 13.52 27.87 -4.50
N ASP B 161 12.95 27.30 -5.57
CA ASP B 161 11.97 26.21 -5.44
C ASP B 161 12.70 24.88 -5.25
N VAL B 162 13.31 24.73 -4.06
CA VAL B 162 14.10 23.54 -3.79
C VAL B 162 13.20 22.31 -3.85
N SER B 163 13.72 21.23 -4.42
CA SER B 163 12.91 20.06 -4.77
C SER B 163 13.67 18.78 -4.44
N GLU B 164 12.90 17.75 -4.07
CA GLU B 164 13.41 16.39 -3.88
C GLU B 164 12.78 15.56 -4.99
N ARG B 165 13.59 15.23 -6.01
CA ARG B 165 13.04 14.69 -7.25
C ARG B 165 12.44 13.30 -7.07
N PHE B 166 12.98 12.51 -6.15
CA PHE B 166 12.41 11.20 -5.88
C PHE B 166 11.05 11.33 -5.18
N ASN B 167 10.99 12.16 -4.15
CA ASN B 167 9.69 12.42 -3.53
C ASN B 167 8.72 13.07 -4.51
N GLN B 168 9.23 13.86 -5.45
CA GLN B 168 8.34 14.60 -6.34
C GLN B 168 7.72 13.69 -7.39
N LYS B 169 8.47 12.70 -7.88
CA LYS B 169 8.03 11.92 -9.04
C LYS B 169 7.95 10.43 -8.83
N GLN B 170 8.55 9.88 -7.77
CA GLN B 170 8.60 8.42 -7.63
C GLN B 170 7.81 7.94 -6.43
N ARG B 171 6.96 8.78 -5.85
CA ARG B 171 6.07 8.40 -4.76
C ARG B 171 4.63 8.77 -5.10
N GLY B 172 4.25 8.65 -6.37
CA GLY B 172 2.95 9.06 -6.85
C GLY B 172 3.06 10.13 -7.92
N THR B 173 1.88 10.59 -8.36
CA THR B 173 1.79 11.54 -9.46
C THR B 173 1.79 12.99 -9.02
N GLN B 174 1.68 13.27 -7.72
CA GLN B 174 1.51 14.64 -7.24
C GLN B 174 2.87 15.21 -6.83
N TRP B 175 3.24 16.33 -7.45
CA TRP B 175 4.57 16.89 -7.25
C TRP B 175 4.78 17.46 -5.85
N SER B 176 3.71 17.88 -5.18
CA SER B 176 3.88 18.61 -3.93
C SER B 176 4.59 17.79 -2.86
N LYS B 177 4.56 16.46 -2.95
CA LYS B 177 5.22 15.62 -1.97
C LYS B 177 6.73 15.81 -1.94
N GLY B 178 7.32 16.25 -3.05
CA GLY B 178 8.75 16.50 -3.10
C GLY B 178 9.10 17.96 -2.97
N LYS B 179 8.14 18.82 -2.65
CA LYS B 179 8.38 20.25 -2.70
C LYS B 179 8.04 20.99 -1.41
N GLY B 180 7.47 20.33 -0.41
CA GLY B 180 7.05 21.01 0.80
C GLY B 180 7.96 20.84 2.00
N HIS B 181 9.08 20.14 1.85
CA HIS B 181 10.00 19.90 2.96
C HIS B 181 10.39 21.20 3.65
N ASP B 182 10.59 21.12 4.96
CA ASP B 182 11.22 22.21 5.70
C ASP B 182 12.42 22.75 4.93
N THR B 183 12.50 24.07 4.84
CA THR B 183 13.62 24.89 4.32
C THR B 183 13.64 24.92 2.80
N PHE B 184 12.68 24.30 2.10
CA PHE B 184 12.75 24.19 0.64
C PHE B 184 12.16 25.37 -0.14
N CYS B 185 11.83 26.48 0.51
CA CYS B 185 11.38 27.69 -0.20
C CYS B 185 12.04 28.94 0.36
N PRO B 186 13.35 29.09 0.17
CA PRO B 186 13.98 30.39 0.49
C PRO B 186 13.39 31.50 -0.36
N VAL B 187 12.99 32.60 0.29
CA VAL B 187 12.35 33.73 -0.39
C VAL B 187 13.03 35.02 0.06
N GLY B 188 13.45 35.84 -0.90
CA GLY B 188 14.03 37.13 -0.59
C GLY B 188 15.35 37.34 -1.30
N PRO B 189 16.10 38.39 -0.91
CA PRO B 189 15.99 39.19 0.30
C PRO B 189 15.07 40.40 0.22
N TRP B 190 14.61 40.77 -0.97
CA TRP B 190 13.87 42.00 -1.15
C TRP B 190 12.52 41.74 -1.80
N LEU B 191 11.49 42.40 -1.28
CA LEU B 191 10.25 42.64 -2.02
C LEU B 191 10.46 43.92 -2.80
N VAL B 192 10.50 43.82 -4.13
CA VAL B 192 10.81 44.94 -5.00
C VAL B 192 9.54 45.35 -5.71
N THR B 193 9.13 46.60 -5.54
CA THR B 193 7.86 47.03 -6.10
C THR B 193 7.93 47.08 -7.63
N PRO B 194 6.79 46.98 -8.31
CA PRO B 194 6.84 46.89 -9.78
C PRO B 194 7.45 48.10 -10.45
N ASP B 195 7.38 49.28 -9.84
CA ASP B 195 7.98 50.46 -10.46
C ASP B 195 9.49 50.29 -10.61
N GLU B 196 10.13 49.61 -9.67
CA GLU B 196 11.58 49.42 -9.79
C GLU B 196 11.92 48.26 -10.71
N VAL B 197 11.14 47.18 -10.64
CA VAL B 197 11.43 46.00 -11.45
C VAL B 197 11.29 46.31 -12.94
N GLY B 198 10.34 47.16 -13.31
CA GLY B 198 10.06 47.32 -14.73
C GLY B 198 9.39 46.08 -15.28
N ASP B 199 9.67 45.78 -16.53
CA ASP B 199 9.11 44.61 -17.20
C ASP B 199 9.55 43.32 -16.50
N PRO B 200 8.63 42.55 -15.92
CA PRO B 200 9.05 41.27 -15.30
C PRO B 200 9.50 40.25 -16.32
N GLN B 201 9.17 40.42 -17.61
CA GLN B 201 9.56 39.47 -18.64
C GLN B 201 10.87 39.84 -19.32
N ASP B 202 11.72 40.63 -18.67
CA ASP B 202 13.07 40.93 -19.14
C ASP B 202 14.00 41.04 -17.92
N LEU B 203 14.20 39.91 -17.24
CA LEU B 203 15.08 39.83 -16.09
C LEU B 203 16.05 38.67 -16.28
N ASP B 204 17.33 38.93 -16.09
CA ASP B 204 18.30 37.85 -16.12
C ASP B 204 18.21 37.02 -14.84
N VAL B 205 18.43 35.71 -14.99
CA VAL B 205 18.25 34.72 -13.93
C VAL B 205 19.47 33.80 -13.89
N HIS B 206 19.96 33.48 -12.69
CA HIS B 206 21.08 32.55 -12.61
C HIS B 206 21.10 31.83 -11.27
N LEU B 207 21.72 30.64 -11.28
CA LEU B 207 21.96 29.88 -10.06
C LEU B 207 23.29 29.13 -10.18
N ASP B 208 24.13 29.22 -9.14
CA ASP B 208 25.39 28.51 -9.08
C ASP B 208 25.39 27.52 -7.93
N VAL B 209 26.11 26.42 -8.10
CA VAL B 209 26.33 25.45 -7.04
C VAL B 209 27.83 25.32 -6.84
N ASN B 210 28.29 25.62 -5.63
CA ASN B 210 29.73 25.61 -5.31
C ASN B 210 30.51 26.51 -6.25
N GLY B 211 29.90 27.63 -6.65
CA GLY B 211 30.52 28.58 -7.53
C GLY B 211 30.49 28.23 -8.99
N GLU B 212 29.97 27.06 -9.36
CA GLU B 212 29.85 26.64 -10.76
C GLU B 212 28.45 26.96 -11.28
N ARG B 213 28.38 27.60 -12.44
CA ARG B 213 27.10 28.02 -12.99
C ARG B 213 26.28 26.80 -13.41
N MSE B 214 25.05 26.71 -12.92
CA MSE B 214 24.18 25.59 -13.21
C MSE B 214 22.98 26.03 -14.05
O MSE B 214 22.64 25.41 -15.05
CB MSE B 214 23.70 24.92 -11.93
CG MSE B 214 24.80 24.25 -11.13
SE MSE B 214 25.68 22.80 -12.10
CE MSE B 214 26.14 21.60 -10.63
N GLN B 215 22.35 27.13 -13.65
CA GLN B 215 21.19 27.66 -14.35
C GLN B 215 21.48 29.06 -14.87
N THR B 216 21.15 29.28 -16.13
CA THR B 216 21.24 30.59 -16.76
C THR B 216 20.00 30.80 -17.60
N GLY B 217 19.38 31.96 -17.48
CA GLY B 217 18.21 32.21 -18.29
C GLY B 217 17.78 33.65 -18.21
N ASN B 218 16.61 33.90 -18.77
CA ASN B 218 15.98 35.22 -18.74
C ASN B 218 14.48 34.99 -18.79
N THR B 219 13.74 35.79 -18.02
CA THR B 219 12.30 35.58 -17.93
C THR B 219 11.60 35.81 -19.24
N LYS B 220 12.28 36.36 -20.25
CA LYS B 220 11.67 36.55 -21.56
C LYS B 220 11.18 35.24 -22.18
N THR B 221 11.79 34.11 -21.82
CA THR B 221 11.43 32.83 -22.41
C THR B 221 10.34 32.10 -21.63
N MSE B 222 9.65 32.78 -20.73
CA MSE B 222 8.53 32.15 -20.02
C MSE B 222 7.45 31.73 -21.01
O MSE B 222 7.14 32.46 -21.95
CB MSE B 222 7.94 33.09 -18.97
CG MSE B 222 8.40 32.81 -17.60
SE MSE B 222 7.33 33.88 -16.35
CE MSE B 222 8.79 34.85 -15.75
N ILE B 223 6.88 30.55 -20.80
CA ILE B 223 5.80 30.08 -21.66
C ILE B 223 4.53 30.89 -21.40
N PHE B 224 4.11 30.91 -20.15
CA PHE B 224 3.05 31.79 -19.66
C PHE B 224 3.70 32.89 -18.83
N ASN B 225 3.52 34.14 -19.24
CA ASN B 225 4.10 35.24 -18.51
C ASN B 225 3.31 35.48 -17.23
N VAL B 226 3.78 36.43 -16.42
CA VAL B 226 3.16 36.64 -15.11
C VAL B 226 1.69 36.98 -15.25
N ALA B 227 1.34 37.85 -16.21
CA ALA B 227 -0.06 38.22 -16.37
C ALA B 227 -0.90 37.03 -16.80
N GLN B 228 -0.36 36.17 -17.68
CA GLN B 228 -1.11 34.99 -18.11
C GLN B 228 -1.28 34.01 -16.95
N LEU B 229 -0.24 33.88 -16.13
CA LEU B 229 -0.31 32.97 -14.98
C LEU B 229 -1.32 33.45 -13.94
N ILE B 230 -1.26 34.73 -13.59
CA ILE B 230 -2.19 35.26 -12.60
C ILE B 230 -3.63 35.06 -13.08
N SER B 231 -3.88 35.36 -14.35
CA SER B 231 -5.24 35.26 -14.87
C SER B 231 -5.73 33.82 -14.84
N TYR B 232 -4.90 32.89 -15.32
CA TYR B 232 -5.29 31.47 -15.31
C TYR B 232 -5.53 30.96 -13.89
N VAL B 233 -4.55 31.18 -13.00
CA VAL B 233 -4.66 30.66 -11.63
C VAL B 233 -5.92 31.17 -10.94
N SER B 234 -6.25 32.45 -11.14
CA SER B 234 -7.40 33.10 -10.49
C SER B 234 -8.75 32.51 -10.88
N GLU B 235 -8.82 31.61 -11.88
CA GLU B 235 -10.05 30.90 -12.22
C GLU B 235 -10.22 29.61 -11.42
N TYR B 236 -9.19 29.13 -10.76
CA TYR B 236 -9.21 27.87 -10.00
C TYR B 236 -9.00 28.07 -8.51
N ILE B 237 -8.25 29.09 -8.12
CA ILE B 237 -7.96 29.39 -6.73
C ILE B 237 -7.87 30.90 -6.58
N THR B 238 -8.54 31.45 -5.58
CA THR B 238 -8.44 32.89 -5.33
C THR B 238 -7.11 33.23 -4.67
N LEU B 239 -6.41 34.22 -5.22
CA LEU B 239 -5.19 34.72 -4.60
C LEU B 239 -5.54 35.95 -3.78
N TYR B 240 -5.15 35.96 -2.52
CA TYR B 240 -5.40 37.06 -1.61
C TYR B 240 -4.13 37.87 -1.40
N PRO B 241 -4.25 39.11 -0.92
CA PRO B 241 -3.05 39.91 -0.69
C PRO B 241 -2.07 39.20 0.22
N GLY B 242 -0.82 39.16 -0.18
CA GLY B 242 0.21 38.47 0.55
C GLY B 242 0.53 37.09 0.01
N ASP B 243 -0.35 36.52 -0.82
CA ASP B 243 -0.03 35.22 -1.43
C ASP B 243 1.17 35.31 -2.35
N LEU B 244 1.89 34.20 -2.47
CA LEU B 244 3.10 34.13 -3.27
C LEU B 244 2.90 33.16 -4.42
N MSE B 245 3.21 33.61 -5.64
CA MSE B 245 3.19 32.72 -6.80
C MSE B 245 4.61 32.56 -7.32
O MSE B 245 5.29 33.55 -7.55
CB MSE B 245 2.26 33.27 -7.90
CG MSE B 245 2.09 32.28 -9.01
SE MSE B 245 0.97 32.96 -10.48
CE MSE B 245 2.07 34.51 -10.97
N ILE B 246 5.07 31.33 -7.50
CA ILE B 246 6.43 31.08 -8.01
C ILE B 246 6.29 30.46 -9.39
N THR B 247 7.00 31.03 -10.37
CA THR B 247 6.56 30.98 -11.75
C THR B 247 7.39 30.05 -12.64
N GLY B 248 8.13 29.12 -12.07
CA GLY B 248 8.87 28.13 -12.84
C GLY B 248 10.35 28.51 -12.96
N THR B 249 11.10 27.65 -13.63
CA THR B 249 12.56 27.77 -13.63
C THR B 249 13.18 27.57 -15.01
N PRO B 250 14.25 28.29 -15.32
CA PRO B 250 14.92 28.13 -16.62
C PRO B 250 15.69 26.82 -16.67
N PRO B 251 16.29 26.46 -17.81
CA PRO B 251 17.02 25.19 -17.87
C PRO B 251 18.21 25.19 -16.91
N GLY B 252 18.72 24.00 -16.62
CA GLY B 252 19.90 23.85 -15.82
C GLY B 252 19.71 23.20 -14.46
N VAL B 253 18.51 22.65 -14.18
CA VAL B 253 18.31 21.92 -12.94
C VAL B 253 19.15 20.65 -12.94
N GLY B 254 19.56 20.24 -11.74
CA GLY B 254 20.42 19.08 -11.60
C GLY B 254 19.83 17.83 -12.22
N GLU B 255 18.51 17.68 -12.16
CA GLU B 255 17.83 16.51 -12.70
C GLU B 255 18.16 16.27 -14.17
N GLY B 256 18.38 17.34 -14.91
CA GLY B 256 18.59 17.26 -16.34
C GLY B 256 20.03 17.32 -16.80
N LYS B 257 21.00 17.30 -15.89
CA LYS B 257 22.40 17.37 -16.31
C LYS B 257 22.81 16.12 -17.05
N LYS B 258 23.67 16.29 -18.07
CA LYS B 258 24.16 15.18 -18.86
C LYS B 258 25.69 15.15 -18.84
N PRO B 259 26.32 13.97 -18.86
CA PRO B 259 25.79 12.61 -19.02
C PRO B 259 24.96 12.04 -17.86
N GLN B 260 25.11 12.56 -16.64
CA GLN B 260 24.36 12.06 -15.50
C GLN B 260 23.74 13.21 -14.72
N ALA B 261 22.62 12.93 -14.08
CA ALA B 261 22.00 13.94 -13.22
C ALA B 261 22.90 14.22 -12.04
N ILE B 262 22.88 15.46 -11.56
CA ILE B 262 23.65 15.89 -10.41
C ILE B 262 22.68 16.42 -9.37
N TYR B 263 22.85 16.00 -8.13
CA TYR B 263 21.93 16.36 -7.05
C TYR B 263 22.71 17.00 -5.90
N LEU B 264 21.96 17.57 -4.97
CA LEU B 264 22.55 18.26 -3.83
C LEU B 264 23.12 17.26 -2.83
N LYS B 265 24.17 17.68 -2.14
CA LYS B 265 24.76 16.89 -1.08
C LYS B 265 25.17 17.82 0.05
N ALA B 266 25.31 17.25 1.24
CA ALA B 266 25.76 18.03 2.38
C ALA B 266 27.06 18.75 2.05
N GLY B 267 27.16 20.01 2.46
CA GLY B 267 28.30 20.85 2.18
C GLY B 267 28.16 21.74 0.96
N ASP B 268 27.22 21.45 0.06
CA ASP B 268 27.03 22.31 -1.11
C ASP B 268 26.60 23.71 -0.70
N VAL B 269 26.92 24.68 -1.55
CA VAL B 269 26.50 26.07 -1.37
C VAL B 269 25.78 26.52 -2.64
N MSE B 270 24.52 26.91 -2.48
CA MSE B 270 23.79 27.45 -3.62
C MSE B 270 23.84 28.97 -3.59
O MSE B 270 23.65 29.58 -2.54
CB MSE B 270 22.34 26.95 -3.64
CG MSE B 270 22.25 25.47 -3.87
SE MSE B 270 20.38 24.87 -3.91
CE MSE B 270 19.96 25.10 -2.01
N GLU B 271 24.12 29.57 -4.73
CA GLU B 271 24.10 31.01 -4.90
C GLU B 271 23.28 31.34 -6.13
N LEU B 272 22.30 32.23 -5.98
CA LEU B 272 21.39 32.50 -7.07
C LEU B 272 21.01 33.97 -7.02
N GLY B 273 20.46 34.44 -8.12
CA GLY B 273 20.06 35.81 -8.23
C GLY B 273 19.17 36.05 -9.43
N ILE B 274 18.33 37.05 -9.34
CA ILE B 274 17.57 37.54 -10.47
C ILE B 274 17.81 39.04 -10.51
N GLU B 275 18.07 39.54 -11.72
CA GLU B 275 18.27 40.96 -11.95
C GLU B 275 17.23 41.80 -11.22
N LYS B 276 17.71 42.78 -10.46
CA LYS B 276 16.96 43.75 -9.68
C LYS B 276 16.41 43.16 -8.38
N LEU B 277 16.49 41.85 -8.17
CA LEU B 277 15.87 41.22 -7.00
C LEU B 277 16.87 40.76 -5.95
N GLY B 278 18.15 41.10 -6.09
CA GLY B 278 19.11 40.68 -5.08
C GLY B 278 19.61 39.26 -5.31
N THR B 279 20.20 38.70 -4.25
CA THR B 279 20.86 37.41 -4.32
C THR B 279 20.60 36.59 -3.06
N GLN B 280 20.69 35.26 -3.22
CA GLN B 280 20.58 34.31 -2.11
C GLN B 280 21.82 33.45 -2.05
N ARG B 281 22.16 33.02 -0.83
CA ARG B 281 23.22 32.05 -0.61
C ARG B 281 22.78 31.09 0.47
N GLN B 282 22.67 29.81 0.13
CA GLN B 282 22.25 28.79 1.08
C GLN B 282 23.32 27.73 1.23
N GLN B 283 23.70 27.43 2.46
CA GLN B 283 24.46 26.23 2.72
C GLN B 283 23.52 25.05 2.87
N VAL B 284 23.92 23.91 2.34
CA VAL B 284 23.12 22.68 2.33
C VAL B 284 23.68 21.73 3.37
N SER B 285 22.79 21.16 4.18
CA SER B 285 23.18 20.25 5.26
C SER B 285 22.45 18.93 5.12
N GLU B 286 23.07 17.87 5.65
CA GLU B 286 22.36 16.61 5.70
C GLU B 286 21.23 16.68 6.72
N TRP B 287 20.31 15.71 6.65
CA TRP B 287 19.13 15.76 7.50
C TRP B 287 19.50 15.62 8.97
N ARG B 288 18.76 16.37 9.79
CA ARG B 288 18.72 16.15 11.22
C ARG B 288 17.29 16.46 11.66
N HIS B 289 16.89 15.92 12.81
CA HIS B 289 15.58 16.28 13.34
C HIS B 289 15.61 17.73 13.78
N LEU B 290 14.72 18.55 13.25
CA LEU B 290 14.74 19.98 13.49
C LEU B 290 13.94 20.40 14.71
N GLY B 291 13.48 19.44 15.51
CA GLY B 291 12.92 19.78 16.81
C GLY B 291 11.59 20.51 16.69
N ASP B 292 11.44 21.57 17.49
CA ASP B 292 10.19 22.30 17.54
C ASP B 292 10.24 23.61 16.75
N GLU B 293 11.28 23.79 15.94
CA GLU B 293 11.45 25.04 15.22
C GLU B 293 10.26 25.30 14.30
N VAL B 294 9.87 26.57 14.23
CA VAL B 294 8.83 27.03 13.32
C VAL B 294 9.51 27.91 12.29
N PHE B 295 9.47 27.49 11.04
CA PHE B 295 10.16 28.19 9.96
C PHE B 295 9.21 29.17 9.27
N GLY B 296 9.79 30.05 8.47
CA GLY B 296 8.99 31.02 7.75
C GLY B 296 9.47 32.44 7.98
N HIS C 7 -4.78 -35.15 29.56
CA HIS C 7 -5.05 -33.84 28.97
C HIS C 7 -4.64 -32.69 29.89
N HIS C 8 -3.38 -32.70 30.33
CA HIS C 8 -2.91 -31.66 31.22
C HIS C 8 -2.72 -30.35 30.45
N HIS C 9 -2.55 -29.26 31.20
CA HIS C 9 -2.38 -27.93 30.63
C HIS C 9 -0.98 -27.36 30.87
N HIS C 10 0.03 -28.23 30.92
CA HIS C 10 1.39 -27.76 31.10
C HIS C 10 2.16 -27.58 29.80
N GLY C 11 1.72 -28.18 28.72
CA GLY C 11 2.42 -28.07 27.46
C GLY C 11 3.41 -29.20 27.25
N SER C 12 3.82 -29.36 25.99
CA SER C 12 4.72 -30.42 25.57
C SER C 12 5.64 -29.89 24.48
N LYS C 13 6.81 -30.51 24.38
CA LYS C 13 7.77 -30.29 23.29
C LYS C 13 7.89 -31.61 22.53
N PHE C 14 7.19 -31.73 21.40
CA PHE C 14 7.20 -32.97 20.65
C PHE C 14 8.26 -32.93 19.55
N CYS C 15 8.74 -34.11 19.16
CA CYS C 15 9.71 -34.19 18.07
C CYS C 15 9.52 -35.50 17.34
N ARG C 16 10.28 -35.64 16.25
CA ARG C 16 10.38 -36.89 15.52
C ARG C 16 11.86 -37.15 15.28
N PHE C 17 12.32 -38.33 15.64
CA PHE C 17 13.75 -38.61 15.61
C PHE C 17 14.04 -39.83 14.76
N GLY C 18 15.19 -39.79 14.11
CA GLY C 18 15.68 -40.89 13.31
C GLY C 18 16.01 -40.43 11.90
N GLN C 19 16.38 -41.41 11.08
CA GLN C 19 16.78 -41.11 9.71
C GLN C 19 15.58 -40.73 8.86
N ARG C 20 15.86 -40.02 7.77
CA ARG C 20 14.81 -39.54 6.88
C ARG C 20 13.95 -40.70 6.39
N GLY C 21 12.63 -40.53 6.48
CA GLY C 21 11.70 -41.57 6.12
C GLY C 21 11.47 -42.62 7.18
N GLN C 22 12.24 -42.59 8.27
CA GLN C 22 12.18 -43.62 9.30
C GLN C 22 11.91 -43.07 10.69
N GLU C 23 11.48 -41.81 10.81
CA GLU C 23 11.44 -41.15 12.11
C GLU C 23 10.42 -41.82 13.02
N LYS C 24 10.66 -41.72 14.33
CA LYS C 24 9.75 -42.15 15.38
C LYS C 24 9.31 -40.96 16.23
N PRO C 25 8.14 -41.05 16.87
CA PRO C 25 7.66 -39.92 17.68
C PRO C 25 8.35 -39.83 19.03
N GLY C 26 8.61 -38.61 19.47
CA GLY C 26 9.27 -38.38 20.74
C GLY C 26 8.77 -37.15 21.46
N ILE C 27 9.20 -37.01 22.72
CA ILE C 27 8.88 -35.82 23.51
C ILE C 27 10.13 -35.46 24.31
N ILE C 28 10.36 -34.16 24.49
CA ILE C 28 11.56 -33.68 25.20
C ILE C 28 11.24 -33.56 26.68
N ASP C 29 12.09 -34.13 27.53
CA ASP C 29 11.87 -34.02 28.96
C ASP C 29 12.58 -32.78 29.52
N ALA C 30 12.45 -32.56 30.83
CA ALA C 30 12.96 -31.35 31.44
C ALA C 30 14.48 -31.25 31.38
N ASP C 31 15.17 -32.37 31.24
CA ASP C 31 16.63 -32.40 31.18
C ASP C 31 17.14 -32.24 29.77
N GLY C 32 16.24 -32.15 28.79
CA GLY C 32 16.63 -32.03 27.40
C GLY C 32 16.81 -33.34 26.68
N ASN C 33 16.51 -34.48 27.33
CA ASN C 33 16.59 -35.77 26.67
C ASN C 33 15.36 -36.00 25.80
N ILE C 34 15.53 -36.82 24.76
CA ILE C 34 14.40 -37.31 23.99
C ILE C 34 13.84 -38.55 24.66
N ARG C 35 12.53 -38.61 24.80
CA ARG C 35 11.83 -39.81 25.27
C ARG C 35 11.00 -40.39 24.14
N ASP C 36 11.02 -41.71 24.03
CA ASP C 36 10.35 -42.42 22.93
C ASP C 36 8.85 -42.52 23.22
N LEU C 37 8.03 -42.04 22.28
CA LEU C 37 6.57 -42.11 22.37
C LEU C 37 5.97 -43.28 21.61
N SER C 38 6.82 -44.16 21.06
CA SER C 38 6.33 -45.16 20.12
C SER C 38 5.32 -46.12 20.74
N GLY C 39 5.46 -46.42 22.03
CA GLY C 39 4.46 -47.26 22.67
C GLY C 39 3.16 -46.57 23.01
N VAL C 40 3.05 -45.28 22.73
CA VAL C 40 1.85 -44.51 23.03
C VAL C 40 1.12 -44.13 21.75
N VAL C 41 1.84 -43.57 20.77
CA VAL C 41 1.27 -43.27 19.46
C VAL C 41 2.20 -43.83 18.40
N PRO C 42 1.68 -44.32 17.27
CA PRO C 42 2.58 -44.79 16.21
C PRO C 42 3.28 -43.66 15.49
N GLU C 43 2.66 -42.48 15.43
CA GLU C 43 3.15 -41.38 14.60
C GLU C 43 2.85 -40.06 15.28
N LEU C 44 3.72 -39.08 15.07
CA LEU C 44 3.49 -37.72 15.59
C LEU C 44 2.72 -36.92 14.54
N THR C 45 1.40 -37.13 14.54
CA THR C 45 0.49 -36.38 13.69
C THR C 45 -0.37 -35.47 14.55
N ILE C 46 -1.09 -34.56 13.89
CA ILE C 46 -2.03 -33.69 14.62
C ILE C 46 -3.04 -34.52 15.39
N ASP C 47 -3.56 -35.57 14.76
CA ASP C 47 -4.55 -36.41 15.43
C ASP C 47 -3.97 -37.08 16.66
N ALA C 48 -2.66 -37.31 16.68
CA ALA C 48 -2.00 -38.06 17.74
C ALA C 48 -1.68 -37.22 18.96
N LEU C 49 -1.86 -35.90 18.92
CA LEU C 49 -1.31 -35.05 19.97
C LEU C 49 -2.06 -35.23 21.29
N ALA C 50 -3.38 -35.40 21.24
CA ALA C 50 -4.14 -35.59 22.47
C ALA C 50 -3.60 -36.79 23.25
N ALA C 51 -3.47 -37.94 22.58
CA ALA C 51 -2.89 -39.11 23.23
C ALA C 51 -1.46 -38.87 23.67
N ALA C 52 -0.66 -38.19 22.82
CA ALA C 52 0.74 -37.94 23.18
C ALA C 52 0.84 -37.02 24.39
N LYS C 53 -0.06 -36.06 24.52
CA LYS C 53 -0.06 -35.18 25.70
C LYS C 53 -0.35 -35.95 26.97
N GLY C 54 -1.20 -36.98 26.89
CA GLY C 54 -1.53 -37.75 28.08
C GLY C 54 -0.43 -38.69 28.55
N ALA C 55 0.58 -38.93 27.71
CA ALA C 55 1.66 -39.83 28.09
C ALA C 55 2.36 -39.34 29.34
N ASP C 56 2.63 -40.26 30.28
CA ASP C 56 3.39 -39.96 31.48
C ASP C 56 4.87 -39.97 31.14
N ILE C 57 5.51 -38.80 31.19
CA ILE C 57 6.87 -38.66 30.66
C ILE C 57 7.83 -39.56 31.43
N ALA C 58 7.61 -39.70 32.73
CA ALA C 58 8.51 -40.50 33.55
C ALA C 58 8.53 -41.97 33.10
N LEU C 59 7.41 -42.47 32.57
CA LEU C 59 7.36 -43.86 32.12
C LEU C 59 8.11 -44.11 30.81
N LEU C 60 8.41 -43.07 30.04
CA LEU C 60 8.86 -43.32 28.66
C LEU C 60 10.34 -43.65 28.61
N PRO C 61 10.76 -44.53 27.70
CA PRO C 61 12.18 -44.85 27.56
C PRO C 61 12.99 -43.66 27.06
N LEU C 62 14.19 -43.49 27.61
CA LEU C 62 15.16 -42.56 27.07
C LEU C 62 15.69 -43.07 25.74
N VAL C 63 15.85 -42.16 24.78
CA VAL C 63 16.42 -42.50 23.48
C VAL C 63 17.94 -42.43 23.57
N GLU C 64 18.60 -43.50 23.17
CA GLU C 64 20.05 -43.56 23.28
C GLU C 64 20.72 -42.85 22.11
N GLY C 65 21.91 -42.32 22.37
CA GLY C 65 22.71 -41.72 21.32
C GLY C 65 22.28 -40.30 20.99
N GLU C 66 22.45 -39.93 19.73
CA GLU C 66 22.11 -38.60 19.23
C GLU C 66 21.48 -38.77 17.85
N PRO C 67 20.23 -39.21 17.79
CA PRO C 67 19.58 -39.39 16.49
C PRO C 67 19.32 -38.04 15.83
N ARG C 68 19.15 -38.10 14.51
CA ARG C 68 18.73 -36.94 13.76
C ARG C 68 17.32 -36.53 14.16
N TYR C 69 17.07 -35.23 14.19
CA TYR C 69 15.71 -34.70 14.29
C TYR C 69 15.11 -34.57 12.91
N GLY C 70 13.91 -35.09 12.73
CA GLY C 70 13.13 -34.81 11.55
C GLY C 70 12.23 -33.60 11.74
N VAL C 71 11.44 -33.31 10.71
CA VAL C 71 10.34 -32.37 10.89
C VAL C 71 9.51 -32.86 12.06
N PRO C 72 9.19 -32.02 13.07
CA PRO C 72 8.64 -32.55 14.33
C PRO C 72 7.20 -32.99 14.24
N VAL C 73 6.49 -32.70 13.15
CA VAL C 73 5.13 -33.19 12.98
C VAL C 73 4.96 -33.69 11.56
N LYS C 74 4.22 -34.78 11.41
CA LYS C 74 4.02 -35.42 10.13
C LYS C 74 2.71 -34.96 9.51
N GLY C 75 2.70 -34.84 8.19
CA GLY C 75 1.47 -34.50 7.47
C GLY C 75 1.24 -33.02 7.24
N ILE C 76 2.29 -32.20 7.20
CA ILE C 76 2.10 -30.79 6.88
C ILE C 76 1.64 -30.70 5.43
N GLY C 77 0.43 -30.19 5.22
CA GLY C 77 -0.15 -30.19 3.88
C GLY C 77 0.25 -29.05 2.97
N LYS C 78 0.49 -27.87 3.53
CA LYS C 78 0.95 -26.72 2.78
C LYS C 78 1.60 -25.73 3.75
N ILE C 79 2.36 -24.81 3.19
CA ILE C 79 3.09 -23.81 3.98
C ILE C 79 2.71 -22.44 3.43
N VAL C 80 2.07 -21.62 4.26
CA VAL C 80 1.72 -20.25 3.94
C VAL C 80 2.76 -19.33 4.55
N ALA C 81 3.27 -18.38 3.77
CA ALA C 81 4.38 -17.56 4.24
C ALA C 81 4.01 -16.08 4.21
N ILE C 82 4.52 -15.33 5.18
CA ILE C 82 4.27 -13.89 5.27
C ILE C 82 5.50 -13.12 4.81
N GLY C 83 5.28 -11.98 4.16
CA GLY C 83 6.37 -11.11 3.77
C GLY C 83 6.82 -10.25 4.94
N LEU C 84 7.01 -8.95 4.71
CA LEU C 84 7.50 -8.05 5.76
C LEU C 84 6.55 -8.05 6.94
N ASN C 85 7.06 -8.36 8.12
CA ASN C 85 6.18 -8.42 9.28
C ASN C 85 6.87 -8.06 10.58
N TYR C 86 8.03 -7.41 10.55
CA TYR C 86 8.66 -6.93 11.78
C TYR C 86 8.89 -5.44 11.63
N GLU C 87 8.45 -4.69 12.64
CA GLU C 87 8.48 -3.23 12.54
C GLU C 87 9.91 -2.71 12.55
N ASP C 88 10.76 -3.25 13.43
CA ASP C 88 12.16 -2.84 13.43
C ASP C 88 12.85 -3.26 12.14
N HIS C 89 12.34 -4.30 11.48
CA HIS C 89 12.85 -4.68 10.16
C HIS C 89 12.49 -3.60 9.14
N ALA C 90 11.25 -3.11 9.17
CA ALA C 90 10.85 -2.07 8.23
C ALA C 90 11.65 -0.78 8.46
N ILE C 91 11.84 -0.39 9.72
CA ILE C 91 12.59 0.83 10.01
C ILE C 91 14.05 0.70 9.59
N GLU C 92 14.69 -0.40 9.97
CA GLU C 92 16.10 -0.58 9.67
C GLU C 92 16.38 -0.49 8.16
N SER C 93 15.45 -0.97 7.34
CA SER C 93 15.67 -1.02 5.89
C SER C 93 14.85 0.02 5.13
N ASN C 94 14.26 0.99 5.82
CA ASN C 94 13.53 2.09 5.18
C ASN C 94 12.44 1.56 4.25
N LEU C 95 11.69 0.56 4.73
CA LEU C 95 10.59 -0.04 4.00
C LEU C 95 9.26 0.44 4.57
N PRO C 96 8.23 0.58 3.73
CA PRO C 96 6.94 1.04 4.24
C PRO C 96 6.25 -0.02 5.10
N ILE C 97 5.55 0.44 6.12
CA ILE C 97 4.78 -0.47 6.98
C ILE C 97 3.61 -0.98 6.15
N PRO C 98 3.46 -2.29 5.98
CA PRO C 98 2.34 -2.81 5.19
C PRO C 98 1.00 -2.50 5.84
N THR C 99 -0.02 -2.31 5.00
CA THR C 99 -1.37 -2.14 5.51
C THR C 99 -2.10 -3.46 5.67
N GLU C 100 -1.61 -4.51 5.04
CA GLU C 100 -2.15 -5.85 5.21
C GLU C 100 -1.01 -6.82 4.96
N PRO C 101 -1.07 -8.02 5.52
CA PRO C 101 0.05 -8.96 5.37
C PRO C 101 0.26 -9.36 3.91
N MSE C 102 1.52 -9.31 3.46
CA MSE C 102 1.87 -9.92 2.18
C MSE C 102 1.96 -11.41 2.41
O MSE C 102 2.59 -11.85 3.35
CB MSE C 102 3.21 -9.42 1.60
CG MSE C 102 3.54 -10.02 0.19
SE MSE C 102 5.45 -10.08 -0.41
CE MSE C 102 5.63 -8.20 -0.93
N MSE C 103 1.28 -12.18 1.56
CA MSE C 103 1.36 -13.63 1.69
C MSE C 103 1.80 -14.26 0.37
O MSE C 103 1.49 -13.77 -0.71
CB MSE C 103 0.01 -14.23 2.16
CG MSE C 103 -1.23 -13.66 1.55
SE MSE C 103 -2.83 -14.41 2.45
CE MSE C 103 -2.36 -16.17 2.16
N PHE C 104 2.56 -15.34 0.50
CA PHE C 104 2.97 -16.15 -0.65
C PHE C 104 3.02 -17.59 -0.15
N MSE C 105 3.15 -18.51 -1.09
CA MSE C 105 3.23 -19.91 -0.69
C MSE C 105 4.67 -20.40 -0.75
O MSE C 105 5.44 -20.08 -1.68
CB MSE C 105 2.33 -20.77 -1.58
CG MSE C 105 0.91 -20.24 -1.74
SE MSE C 105 0.03 -20.34 0.01
CE MSE C 105 0.01 -22.29 0.15
N LYS C 106 5.08 -21.10 0.30
CA LYS C 106 6.39 -21.74 0.35
C LYS C 106 6.19 -23.18 -0.10
N ALA C 107 6.77 -23.55 -1.24
CA ALA C 107 6.49 -24.85 -1.82
C ALA C 107 6.78 -25.98 -0.82
N LEU C 108 5.85 -26.92 -0.73
CA LEU C 108 5.96 -27.99 0.27
C LEU C 108 7.26 -28.76 0.11
N SER C 109 7.75 -28.88 -1.12
CA SER C 109 8.96 -29.65 -1.38
C SER C 109 10.22 -29.03 -0.78
N SER C 110 10.16 -27.78 -0.29
CA SER C 110 11.31 -27.20 0.41
C SER C 110 11.44 -27.66 1.86
N LEU C 111 10.40 -28.29 2.40
CA LEU C 111 10.42 -28.70 3.81
C LEU C 111 11.60 -29.62 4.11
N ASN C 112 12.26 -29.39 5.24
CA ASN C 112 13.37 -30.25 5.62
C ASN C 112 13.50 -30.28 7.13
N GLY C 113 14.29 -31.25 7.59
CA GLY C 113 14.57 -31.38 9.00
C GLY C 113 15.33 -30.18 9.50
N PRO C 114 15.31 -29.96 10.82
CA PRO C 114 15.80 -28.70 11.36
C PRO C 114 17.29 -28.51 11.21
N ASN C 115 18.06 -29.59 11.20
CA ASN C 115 19.51 -29.51 11.08
C ASN C 115 20.00 -30.13 9.79
N ASP C 116 19.11 -30.28 8.81
CA ASP C 116 19.48 -30.92 7.54
C ASP C 116 20.27 -29.96 6.65
N GLU C 117 21.15 -30.54 5.86
CA GLU C 117 22.00 -29.77 4.97
C GLU C 117 21.17 -28.87 4.06
N VAL C 118 21.61 -27.62 3.89
CA VAL C 118 21.01 -26.69 2.95
C VAL C 118 21.85 -26.70 1.68
N VAL C 119 21.23 -27.08 0.56
CA VAL C 119 21.91 -27.21 -0.73
C VAL C 119 21.51 -26.02 -1.59
N LEU C 120 22.49 -25.21 -1.99
CA LEU C 120 22.20 -24.03 -2.78
C LEU C 120 21.73 -24.45 -4.18
N PRO C 121 20.82 -23.69 -4.78
CA PRO C 121 20.40 -24.00 -6.15
C PRO C 121 21.51 -23.65 -7.12
N LYS C 122 21.30 -24.02 -8.38
CA LYS C 122 22.34 -23.82 -9.38
C LYS C 122 22.69 -22.35 -9.51
N ASN C 123 23.99 -22.07 -9.59
CA ASN C 123 24.51 -20.72 -9.84
C ASN C 123 24.13 -19.73 -8.74
N SER C 124 23.91 -20.21 -7.50
CA SER C 124 23.38 -19.34 -6.46
C SER C 124 24.50 -18.51 -5.81
N THR C 125 24.37 -17.17 -5.89
CA THR C 125 25.20 -16.26 -5.13
C THR C 125 24.36 -15.27 -4.32
N HIS C 126 23.05 -15.49 -4.22
CA HIS C 126 22.17 -14.64 -3.44
C HIS C 126 21.41 -15.44 -2.38
N GLY C 127 21.98 -16.54 -1.91
CA GLY C 127 21.31 -17.32 -0.86
C GLY C 127 21.30 -16.55 0.45
N ASP C 128 20.16 -16.62 1.16
CA ASP C 128 19.94 -15.73 2.30
C ASP C 128 19.12 -16.46 3.36
N TRP C 129 19.21 -15.95 4.60
CA TRP C 129 18.63 -16.53 5.81
C TRP C 129 17.44 -15.72 6.29
N GLU C 130 16.49 -16.40 6.96
CA GLU C 130 15.34 -15.72 7.60
C GLU C 130 14.85 -16.58 8.77
N VAL C 131 15.31 -16.30 10.00
CA VAL C 131 14.71 -17.01 11.11
C VAL C 131 13.28 -16.52 11.31
N GLU C 132 12.35 -17.46 11.50
CA GLU C 132 10.93 -17.12 11.62
C GLU C 132 10.25 -18.00 12.65
N LEU C 133 9.23 -17.43 13.29
CA LEU C 133 8.28 -18.21 14.09
C LEU C 133 7.31 -18.94 13.17
N GLY C 134 7.25 -20.26 13.29
CA GLY C 134 6.29 -21.06 12.55
C GLY C 134 5.12 -21.44 13.45
N VAL C 135 3.94 -21.52 12.84
CA VAL C 135 2.69 -21.81 13.53
C VAL C 135 2.06 -23.02 12.87
N VAL C 136 1.85 -24.09 13.63
CA VAL C 136 1.23 -25.29 13.09
C VAL C 136 -0.23 -25.30 13.49
N ILE C 137 -1.10 -25.42 12.52
CA ILE C 137 -2.56 -25.34 12.72
C ILE C 137 -3.08 -26.68 13.24
N GLY C 138 -3.96 -26.62 14.23
CA GLY C 138 -4.57 -27.82 14.78
C GLY C 138 -6.02 -28.00 14.40
N GLU C 139 -6.73 -26.91 14.12
CA GLU C 139 -8.13 -26.95 13.71
C GLU C 139 -8.35 -26.06 12.50
N THR C 140 -9.32 -26.44 11.67
CA THR C 140 -9.59 -25.72 10.43
C THR C 140 -9.85 -24.25 10.69
N CYS C 141 -9.19 -23.39 9.90
CA CYS C 141 -9.29 -21.94 9.98
C CYS C 141 -9.94 -21.45 8.69
N ARG C 142 -11.18 -21.02 8.78
CA ARG C 142 -11.94 -20.52 7.63
C ARG C 142 -12.73 -19.32 8.13
N PHE C 143 -12.31 -18.12 7.72
CA PHE C 143 -12.92 -16.86 8.19
C PHE C 143 -13.02 -16.84 9.71
N VAL C 144 -11.90 -17.10 10.35
CA VAL C 144 -11.82 -17.15 11.81
C VAL C 144 -11.57 -15.73 12.33
N SER C 145 -12.19 -15.39 13.46
CA SER C 145 -11.99 -14.07 14.02
C SER C 145 -10.67 -14.00 14.78
N GLU C 146 -10.17 -12.77 14.96
CA GLU C 146 -8.94 -12.59 15.72
C GLU C 146 -9.07 -13.15 17.14
N ASP C 147 -10.26 -13.03 17.73
CA ASP C 147 -10.46 -13.45 19.11
C ASP C 147 -10.37 -14.97 19.27
N GLU C 148 -10.71 -15.73 18.23
CA GLU C 148 -10.67 -17.18 18.28
C GLU C 148 -9.47 -17.78 17.54
N ALA C 149 -8.58 -16.95 16.97
CA ALA C 149 -7.55 -17.48 16.08
C ALA C 149 -6.54 -18.36 16.83
N LEU C 150 -6.06 -17.92 18.00
CA LEU C 150 -5.04 -18.69 18.69
C LEU C 150 -5.56 -20.04 19.17
N SER C 151 -6.86 -20.19 19.35
CA SER C 151 -7.41 -21.47 19.78
C SER C 151 -7.31 -22.54 18.70
N LYS C 152 -7.00 -22.15 17.46
CA LYS C 152 -6.84 -23.10 16.38
C LYS C 152 -5.41 -23.61 16.22
N VAL C 153 -4.48 -23.12 17.04
CA VAL C 153 -3.06 -23.45 16.90
C VAL C 153 -2.77 -24.75 17.64
N ALA C 154 -2.10 -25.69 16.95
CA ALA C 154 -1.63 -26.91 17.61
C ALA C 154 -0.32 -26.66 18.36
N GLY C 155 0.57 -25.87 17.77
CA GLY C 155 1.87 -25.65 18.36
C GLY C 155 2.68 -24.71 17.51
N TYR C 156 3.88 -24.40 18.02
CA TYR C 156 4.79 -23.47 17.39
C TYR C 156 6.11 -24.19 17.07
N VAL C 157 6.79 -23.75 16.00
CA VAL C 157 8.00 -24.40 15.54
C VAL C 157 8.99 -23.36 15.05
N LEU C 158 10.28 -23.66 15.22
CA LEU C 158 11.34 -22.83 14.68
C LEU C 158 11.49 -23.08 13.18
N VAL C 159 11.68 -22.02 12.40
CA VAL C 159 11.80 -22.14 10.94
C VAL C 159 12.91 -21.25 10.43
N ASN C 160 13.59 -21.71 9.37
CA ASN C 160 14.49 -20.87 8.57
C ASN C 160 13.89 -20.77 7.18
N ASP C 161 13.36 -19.59 6.84
CA ASP C 161 12.79 -19.30 5.51
C ASP C 161 13.92 -18.96 4.55
N VAL C 162 14.71 -19.98 4.22
CA VAL C 162 15.87 -19.78 3.35
C VAL C 162 15.40 -19.30 1.99
N SER C 163 16.16 -18.37 1.41
CA SER C 163 15.70 -17.60 0.26
C SER C 163 16.83 -17.42 -0.74
N GLU C 164 16.50 -17.44 -2.02
CA GLU C 164 17.46 -17.15 -3.09
C GLU C 164 16.99 -15.83 -3.69
N ARG C 165 17.67 -14.74 -3.34
CA ARG C 165 17.12 -13.42 -3.62
C ARG C 165 17.10 -13.11 -5.12
N PHE C 166 18.01 -13.70 -5.90
CA PHE C 166 17.95 -13.49 -7.34
C PHE C 166 16.72 -14.18 -7.92
N ASN C 167 16.55 -15.46 -7.62
CA ASN C 167 15.38 -16.19 -8.10
C ASN C 167 14.09 -15.61 -7.56
N GLN C 168 14.14 -15.00 -6.37
CA GLN C 168 12.95 -14.42 -5.76
C GLN C 168 12.51 -13.11 -6.42
N LYS C 169 13.46 -12.27 -6.85
CA LYS C 169 13.14 -10.90 -7.24
C LYS C 169 13.62 -10.50 -8.64
N GLN C 170 14.54 -11.24 -9.26
CA GLN C 170 15.10 -10.82 -10.54
C GLN C 170 14.71 -11.76 -11.67
N ARG C 171 13.74 -12.64 -11.43
CA ARG C 171 13.20 -13.52 -12.47
C ARG C 171 11.70 -13.38 -12.55
N GLY C 172 11.20 -12.17 -12.32
CA GLY C 172 9.78 -11.91 -12.25
C GLY C 172 9.37 -11.40 -10.88
N THR C 173 8.07 -11.10 -10.76
CA THR C 173 7.55 -10.47 -9.55
C THR C 173 7.12 -11.46 -8.48
N GLN C 174 6.99 -12.75 -8.80
CA GLN C 174 6.48 -13.73 -7.84
C GLN C 174 7.63 -14.29 -7.01
N TRP C 175 7.55 -14.11 -5.69
CA TRP C 175 8.61 -14.53 -4.79
C TRP C 175 8.79 -16.05 -4.73
N SER C 176 7.73 -16.83 -4.97
CA SER C 176 7.82 -18.27 -4.68
C SER C 176 8.94 -18.95 -5.47
N LYS C 177 9.30 -18.43 -6.65
CA LYS C 177 10.37 -18.97 -7.46
C LYS C 177 11.72 -19.01 -6.75
N GLY C 178 11.95 -18.14 -5.76
CA GLY C 178 13.19 -18.11 -5.01
C GLY C 178 13.03 -18.65 -3.60
N LYS C 179 11.92 -19.28 -3.28
CA LYS C 179 11.62 -19.71 -1.92
C LYS C 179 11.36 -21.20 -1.80
N GLY C 180 11.13 -21.89 -2.91
CA GLY C 180 10.67 -23.27 -2.89
C GLY C 180 11.74 -24.30 -3.15
N HIS C 181 13.00 -23.89 -3.23
CA HIS C 181 14.09 -24.80 -3.56
C HIS C 181 14.16 -25.93 -2.54
N ASP C 182 14.50 -27.12 -3.02
CA ASP C 182 14.81 -28.23 -2.12
C ASP C 182 15.69 -27.74 -0.97
N THR C 183 15.36 -28.19 0.24
CA THR C 183 16.09 -27.94 1.49
C THR C 183 15.94 -26.52 2.03
N PHE C 184 15.13 -25.66 1.41
CA PHE C 184 15.04 -24.25 1.83
C PHE C 184 14.01 -23.98 2.95
N CYS C 185 13.46 -25.00 3.59
CA CYS C 185 12.56 -24.76 4.73
C CYS C 185 12.83 -25.77 5.85
N PRO C 186 13.96 -25.65 6.52
CA PRO C 186 14.17 -26.48 7.71
C PRO C 186 13.20 -26.07 8.83
N VAL C 187 12.61 -27.06 9.48
CA VAL C 187 11.57 -26.82 10.48
C VAL C 187 11.82 -27.72 11.68
N GLY C 188 11.82 -27.14 12.87
CA GLY C 188 12.05 -27.91 14.07
C GLY C 188 13.09 -27.23 14.93
N PRO C 189 13.58 -27.91 15.97
CA PRO C 189 13.41 -29.36 16.21
C PRO C 189 12.15 -29.79 16.95
N TRP C 190 11.38 -28.86 17.51
CA TRP C 190 10.27 -29.25 18.38
C TRP C 190 8.96 -28.62 17.94
N LEU C 191 7.90 -29.40 18.02
CA LEU C 191 6.55 -28.85 17.97
C LEU C 191 6.15 -28.56 19.42
N VAL C 192 6.05 -27.28 19.77
CA VAL C 192 5.89 -26.87 21.17
C VAL C 192 4.48 -26.34 21.33
N THR C 193 3.68 -26.99 22.20
CA THR C 193 2.27 -26.65 22.26
C THR C 193 2.06 -25.36 23.04
N PRO C 194 0.92 -24.69 22.84
CA PRO C 194 0.81 -23.30 23.33
C PRO C 194 0.92 -23.16 24.83
N ASP C 195 0.50 -24.18 25.59
CA ASP C 195 0.62 -24.09 27.04
C ASP C 195 2.08 -24.00 27.49
N GLU C 196 3.01 -24.54 26.71
CA GLU C 196 4.43 -24.41 27.06
C GLU C 196 5.04 -23.14 26.50
N VAL C 197 4.63 -22.74 25.30
CA VAL C 197 5.20 -21.54 24.70
C VAL C 197 4.86 -20.31 25.52
N GLY C 198 3.61 -20.20 25.97
CA GLY C 198 3.14 -18.95 26.53
C GLY C 198 2.83 -17.95 25.41
N ASP C 199 2.93 -16.68 25.74
CA ASP C 199 2.61 -15.63 24.77
C ASP C 199 3.54 -15.69 23.56
N PRO C 200 3.04 -16.04 22.37
CA PRO C 200 3.94 -16.07 21.20
C PRO C 200 4.44 -14.69 20.80
N GLN C 201 3.86 -13.61 21.33
CA GLN C 201 4.31 -12.27 20.98
C GLN C 201 5.36 -11.72 21.94
N ASP C 202 6.06 -12.58 22.68
CA ASP C 202 7.18 -12.15 23.52
C ASP C 202 8.21 -13.27 23.55
N LEU C 203 8.81 -13.57 22.40
CA LEU C 203 9.84 -14.60 22.31
C LEU C 203 11.08 -14.00 21.66
N ASP C 204 12.24 -14.22 22.25
CA ASP C 204 13.50 -13.77 21.66
C ASP C 204 13.89 -14.61 20.44
N VAL C 205 14.44 -13.95 19.43
CA VAL C 205 14.76 -14.57 18.15
C VAL C 205 16.21 -14.23 17.78
N HIS C 206 16.93 -15.21 17.23
CA HIS C 206 18.27 -14.88 16.74
C HIS C 206 18.69 -15.82 15.61
N LEU C 207 19.68 -15.38 14.83
CA LEU C 207 20.33 -16.23 13.85
C LEU C 207 21.78 -15.79 13.69
N ASP C 208 22.70 -16.76 13.65
CA ASP C 208 24.12 -16.52 13.46
C ASP C 208 24.56 -17.19 12.17
N VAL C 209 25.59 -16.63 11.54
CA VAL C 209 26.23 -17.25 10.38
C VAL C 209 27.72 -17.33 10.67
N ASN C 210 28.27 -18.55 10.64
CA ASN C 210 29.67 -18.80 10.98
C ASN C 210 30.03 -18.20 12.34
N GLY C 211 29.10 -18.32 13.27
CA GLY C 211 29.33 -17.85 14.63
C GLY C 211 29.12 -16.37 14.85
N GLU C 212 28.80 -15.60 13.81
CA GLU C 212 28.61 -14.16 13.92
C GLU C 212 27.12 -13.83 13.92
N ARG C 213 26.71 -12.98 14.85
CA ARG C 213 25.28 -12.68 15.00
C ARG C 213 24.77 -11.86 13.83
N MSE C 214 23.79 -12.40 13.11
CA MSE C 214 23.22 -11.67 11.95
C MSE C 214 21.83 -11.10 12.23
O MSE C 214 21.58 -9.96 11.90
CB MSE C 214 23.16 -12.60 10.73
CG MSE C 214 24.52 -13.03 10.24
SE MSE C 214 25.64 -11.50 9.66
CE MSE C 214 26.76 -12.41 8.34
N GLN C 215 20.93 -11.87 12.84
CA GLN C 215 19.59 -11.38 13.17
C GLN C 215 19.38 -11.44 14.67
N THR C 216 18.83 -10.36 15.24
CA THR C 216 18.40 -10.31 16.63
C THR C 216 17.04 -9.64 16.69
N GLY C 217 16.08 -10.26 17.36
CA GLY C 217 14.81 -9.63 17.51
C GLY C 217 13.99 -10.27 18.60
N ASN C 218 12.73 -9.88 18.66
CA ASN C 218 11.77 -10.44 19.58
C ASN C 218 10.43 -10.29 18.91
N THR C 219 9.58 -11.31 19.03
CA THR C 219 8.29 -11.31 18.35
C THR C 219 7.38 -10.18 18.79
N LYS C 220 7.72 -9.43 19.85
CA LYS C 220 6.87 -8.32 20.24
C LYS C 220 6.87 -7.20 19.21
N THR C 221 7.83 -7.16 18.28
CA THR C 221 7.83 -6.14 17.25
C THR C 221 7.14 -6.59 15.97
N MSE C 222 6.48 -7.75 15.98
CA MSE C 222 5.67 -8.17 14.83
C MSE C 222 4.68 -7.08 14.43
O MSE C 222 4.05 -6.49 15.29
CB MSE C 222 4.95 -9.47 15.13
CG MSE C 222 4.80 -10.41 13.96
SE MSE C 222 4.21 -12.22 14.52
CE MSE C 222 5.65 -12.59 15.50
N ILE C 223 4.52 -6.84 13.13
CA ILE C 223 3.53 -5.86 12.68
C ILE C 223 2.12 -6.45 12.82
N PHE C 224 1.90 -7.64 12.29
CA PHE C 224 0.66 -8.38 12.47
C PHE C 224 0.97 -9.57 13.34
N ASN C 225 0.29 -9.69 14.47
CA ASN C 225 0.60 -10.79 15.37
C ASN C 225 -0.02 -12.09 14.83
N VAL C 226 0.24 -13.18 15.55
CA VAL C 226 -0.19 -14.49 15.06
C VAL C 226 -1.71 -14.53 14.88
N ALA C 227 -2.45 -14.00 15.86
CA ALA C 227 -3.91 -14.01 15.75
C ALA C 227 -4.38 -13.17 14.56
N GLN C 228 -3.77 -12.00 14.35
CA GLN C 228 -4.18 -11.17 13.21
C GLN C 228 -3.85 -11.86 11.90
N LEU C 229 -2.71 -12.55 11.84
CA LEU C 229 -2.30 -13.27 10.63
C LEU C 229 -3.27 -14.39 10.30
N ILE C 230 -3.59 -15.24 11.29
CA ILE C 230 -4.50 -16.35 11.03
C ILE C 230 -5.84 -15.84 10.55
N SER C 231 -6.37 -14.82 11.24
CA SER C 231 -7.68 -14.29 10.88
C SER C 231 -7.68 -13.75 9.45
N TYR C 232 -6.63 -13.01 9.08
CA TYR C 232 -6.57 -12.45 7.75
C TYR C 232 -6.40 -13.55 6.70
N VAL C 233 -5.42 -14.43 6.90
CA VAL C 233 -5.14 -15.47 5.91
C VAL C 233 -6.39 -16.32 5.67
N SER C 234 -7.15 -16.60 6.73
CA SER C 234 -8.31 -17.48 6.62
C SER C 234 -9.43 -16.90 5.77
N GLU C 235 -9.33 -15.64 5.36
CA GLU C 235 -10.34 -15.07 4.46
C GLU C 235 -10.00 -15.32 3.00
N TYR C 236 -8.75 -15.71 2.71
CA TYR C 236 -8.27 -15.94 1.35
C TYR C 236 -7.98 -17.40 1.06
N ILE C 237 -7.55 -18.17 2.06
CA ILE C 237 -7.40 -19.62 1.93
C ILE C 237 -7.91 -20.25 3.22
N THR C 238 -8.26 -21.53 3.14
CA THR C 238 -8.57 -22.27 4.35
C THR C 238 -7.30 -22.96 4.83
N LEU C 239 -7.00 -22.81 6.12
CA LEU C 239 -5.93 -23.56 6.75
C LEU C 239 -6.53 -24.80 7.40
N TYR C 240 -5.99 -25.94 7.07
CA TYR C 240 -6.43 -27.21 7.65
C TYR C 240 -5.44 -27.69 8.71
N PRO C 241 -5.87 -28.63 9.56
CA PRO C 241 -4.93 -29.17 10.56
C PRO C 241 -3.66 -29.70 9.92
N GLY C 242 -2.53 -29.32 10.52
CA GLY C 242 -1.23 -29.70 10.02
C GLY C 242 -0.57 -28.66 9.13
N ASP C 243 -1.33 -27.69 8.63
CA ASP C 243 -0.74 -26.63 7.81
C ASP C 243 0.23 -25.78 8.64
N LEU C 244 1.23 -25.23 7.96
CA LEU C 244 2.28 -24.44 8.60
C LEU C 244 2.22 -23.02 8.07
N MSE C 245 2.17 -22.06 8.99
CA MSE C 245 2.29 -20.66 8.61
C MSE C 245 3.58 -20.09 9.16
O MSE C 245 3.86 -20.22 10.36
CB MSE C 245 1.10 -19.84 9.12
CG MSE C 245 1.15 -18.37 8.70
SE MSE C 245 -0.41 -17.38 9.39
CE MSE C 245 -0.10 -17.62 11.31
N ILE C 246 4.37 -19.43 8.32
CA ILE C 246 5.64 -18.86 8.76
C ILE C 246 5.51 -17.34 8.70
N THR C 247 5.84 -16.67 9.81
CA THR C 247 5.26 -15.37 10.14
C THR C 247 6.18 -14.19 9.90
N GLY C 248 7.29 -14.35 9.19
CA GLY C 248 8.17 -13.24 8.88
C GLY C 248 9.43 -13.27 9.73
N THR C 249 10.29 -12.30 9.48
CA THR C 249 11.63 -12.34 10.06
C THR C 249 12.10 -10.98 10.57
N PRO C 250 12.83 -10.94 11.69
CA PRO C 250 13.30 -9.67 12.23
C PRO C 250 14.43 -9.11 11.38
N PRO C 251 14.94 -7.91 11.70
CA PRO C 251 16.04 -7.34 10.92
C PRO C 251 17.26 -8.25 10.86
N GLY C 252 18.11 -8.00 9.87
CA GLY C 252 19.39 -8.67 9.79
C GLY C 252 19.57 -9.64 8.65
N VAL C 253 18.64 -9.71 7.70
CA VAL C 253 18.84 -10.58 6.56
C VAL C 253 20.03 -10.08 5.75
N GLY C 254 20.70 -11.00 5.05
CA GLY C 254 21.92 -10.64 4.34
C GLY C 254 21.67 -9.62 3.24
N GLU C 255 20.54 -9.76 2.55
CA GLU C 255 20.12 -8.80 1.52
C GLU C 255 20.17 -7.35 2.01
N GLY C 256 19.94 -7.13 3.31
CA GLY C 256 19.85 -5.80 3.86
C GLY C 256 21.11 -5.27 4.50
N LYS C 257 22.22 -6.00 4.46
CA LYS C 257 23.42 -5.59 5.18
C LYS C 257 24.06 -4.36 4.53
N LYS C 258 24.68 -3.52 5.37
CA LYS C 258 25.39 -2.33 4.93
C LYS C 258 26.86 -2.41 5.36
N PRO C 259 27.80 -1.96 4.52
CA PRO C 259 27.57 -1.24 3.25
C PRO C 259 27.18 -2.12 2.06
N GLN C 260 27.48 -3.42 2.15
CA GLN C 260 27.21 -4.34 1.06
C GLN C 260 26.40 -5.53 1.58
N ALA C 261 25.43 -5.96 0.78
CA ALA C 261 24.69 -7.18 1.08
C ALA C 261 25.65 -8.36 1.22
N ILE C 262 25.34 -9.26 2.15
CA ILE C 262 26.13 -10.47 2.39
C ILE C 262 25.25 -11.68 2.14
N TYR C 263 25.77 -12.67 1.43
CA TYR C 263 24.97 -13.83 1.08
C TYR C 263 25.70 -15.11 1.46
N LEU C 264 24.94 -16.21 1.42
CA LEU C 264 25.47 -17.52 1.76
C LEU C 264 26.43 -18.03 0.69
N LYS C 265 27.41 -18.80 1.14
CA LYS C 265 28.29 -19.53 0.24
C LYS C 265 28.54 -20.92 0.80
N ALA C 266 28.95 -21.83 -0.08
CA ALA C 266 29.24 -23.19 0.33
C ALA C 266 30.24 -23.22 1.47
N GLY C 267 29.93 -24.00 2.50
CA GLY C 267 30.72 -24.08 3.71
C GLY C 267 30.20 -23.24 4.86
N ASP C 268 29.33 -22.27 4.60
CA ASP C 268 28.74 -21.48 5.68
C ASP C 268 27.94 -22.37 6.61
N VAL C 269 27.82 -21.94 7.87
CA VAL C 269 27.03 -22.62 8.89
C VAL C 269 26.03 -21.63 9.47
N MSE C 270 24.74 -21.98 9.44
CA MSE C 270 23.71 -21.14 10.03
C MSE C 270 23.26 -21.74 11.35
O MSE C 270 23.03 -22.95 11.42
CB MSE C 270 22.50 -20.99 9.09
CG MSE C 270 22.80 -20.13 7.86
SE MSE C 270 21.25 -19.98 6.68
CE MSE C 270 21.16 -21.81 6.06
N GLU C 271 23.12 -20.92 12.39
CA GLU C 271 22.61 -21.38 13.68
C GLU C 271 21.58 -20.39 14.16
N LEU C 272 20.40 -20.88 14.55
CA LEU C 272 19.32 -19.97 14.87
C LEU C 272 18.49 -20.55 15.99
N GLY C 273 17.70 -19.70 16.63
CA GLY C 273 16.87 -20.16 17.72
C GLY C 273 15.77 -19.17 18.03
N ILE C 274 14.70 -19.69 18.61
CA ILE C 274 13.65 -18.87 19.19
C ILE C 274 13.37 -19.42 20.57
N GLU C 275 13.24 -18.51 21.54
CA GLU C 275 12.87 -18.84 22.92
C GLU C 275 11.73 -19.85 22.97
N LYS C 276 11.93 -20.93 23.74
CA LYS C 276 11.01 -22.03 23.99
C LYS C 276 10.95 -23.04 22.85
N LEU C 277 11.56 -22.77 21.70
CA LEU C 277 11.42 -23.59 20.50
C LEU C 277 12.69 -24.31 20.08
N GLY C 278 13.77 -24.22 20.86
CA GLY C 278 14.97 -24.95 20.50
C GLY C 278 15.87 -24.20 19.52
N THR C 279 16.74 -24.96 18.87
CA THR C 279 17.77 -24.37 18.00
C THR C 279 17.95 -25.22 16.76
N GLN C 280 18.36 -24.57 15.66
CA GLN C 280 18.72 -25.23 14.41
C GLN C 280 20.17 -24.94 14.07
N ARG C 281 20.78 -25.86 13.31
CA ARG C 281 22.10 -25.64 12.74
C ARG C 281 22.17 -26.29 11.38
N GLN C 282 22.47 -25.52 10.34
CA GLN C 282 22.56 -26.04 8.98
C GLN C 282 23.92 -25.75 8.38
N GLN C 283 24.50 -26.76 7.75
CA GLN C 283 25.65 -26.61 6.87
C GLN C 283 25.16 -26.29 5.46
N VAL C 284 25.78 -25.33 4.81
CA VAL C 284 25.41 -24.94 3.44
C VAL C 284 26.38 -25.57 2.44
N SER C 285 25.84 -26.14 1.37
CA SER C 285 26.63 -26.80 0.34
C SER C 285 26.37 -26.18 -1.02
N GLU C 286 27.30 -26.40 -1.94
CA GLU C 286 27.09 -26.03 -3.33
C GLU C 286 26.07 -26.97 -3.96
N TRP C 287 25.48 -26.51 -5.07
CA TRP C 287 24.48 -27.33 -5.74
C TRP C 287 25.07 -28.67 -6.18
N ARG C 288 24.25 -29.70 -6.08
CA ARG C 288 24.46 -30.97 -6.76
C ARG C 288 23.09 -31.53 -7.09
N HIS C 289 23.06 -32.44 -8.07
CA HIS C 289 21.80 -33.10 -8.41
C HIS C 289 21.40 -34.06 -7.30
N LEU C 290 20.23 -33.84 -6.72
CA LEU C 290 19.81 -34.61 -5.56
C LEU C 290 19.09 -35.89 -5.92
N GLY C 291 19.03 -36.23 -7.21
CA GLY C 291 18.59 -37.54 -7.62
C GLY C 291 17.10 -37.72 -7.45
N ASP C 292 16.73 -38.89 -6.93
CA ASP C 292 15.34 -39.22 -6.62
C ASP C 292 15.04 -39.06 -5.14
N GLU C 293 15.92 -38.42 -4.39
CA GLU C 293 15.69 -38.27 -2.96
C GLU C 293 14.41 -37.46 -2.72
N VAL C 294 13.68 -37.84 -1.69
CA VAL C 294 12.49 -37.14 -1.23
C VAL C 294 12.83 -36.54 0.12
N PHE C 295 12.47 -35.28 0.32
CA PHE C 295 12.86 -34.64 1.57
C PHE C 295 11.64 -34.55 2.49
N GLY C 296 11.54 -33.52 3.32
CA GLY C 296 10.38 -33.40 4.18
C GLY C 296 10.43 -34.26 5.44
N SER D 12 -6.21 -44.57 -22.34
CA SER D 12 -6.87 -44.74 -21.05
C SER D 12 -7.27 -43.40 -20.43
N LYS D 13 -8.55 -43.31 -20.07
CA LYS D 13 -9.10 -42.16 -19.36
C LYS D 13 -9.54 -42.65 -17.99
N PHE D 14 -8.90 -42.15 -16.94
CA PHE D 14 -9.21 -42.55 -15.58
C PHE D 14 -10.03 -41.49 -14.88
N CYS D 15 -10.77 -41.91 -13.86
CA CYS D 15 -11.64 -40.98 -13.15
C CYS D 15 -11.87 -41.48 -11.74
N ARG D 16 -12.56 -40.65 -10.95
CA ARG D 16 -13.02 -41.01 -9.62
C ARG D 16 -14.45 -40.52 -9.49
N PHE D 17 -15.34 -41.42 -9.08
CA PHE D 17 -16.77 -41.13 -9.07
C PHE D 17 -17.36 -41.40 -7.69
N GLY D 18 -18.31 -40.57 -7.28
CA GLY D 18 -19.00 -40.73 -6.03
C GLY D 18 -19.07 -39.44 -5.26
N GLN D 19 -19.73 -39.50 -4.10
CA GLN D 19 -19.84 -38.34 -3.24
C GLN D 19 -18.47 -37.95 -2.71
N ARG D 20 -18.36 -36.67 -2.35
CA ARG D 20 -17.15 -36.13 -1.75
C ARG D 20 -16.74 -36.97 -0.55
N GLY D 21 -15.52 -37.52 -0.59
CA GLY D 21 -15.05 -38.37 0.47
C GLY D 21 -15.40 -39.84 0.32
N GLN D 22 -16.09 -40.22 -0.76
CA GLN D 22 -16.48 -41.60 -0.98
C GLN D 22 -16.19 -42.04 -2.42
N GLU D 23 -15.38 -41.29 -3.15
CA GLU D 23 -15.12 -41.61 -4.55
C GLU D 23 -14.48 -42.99 -4.67
N LYS D 24 -14.70 -43.62 -5.82
CA LYS D 24 -14.11 -44.90 -6.17
C LYS D 24 -13.36 -44.77 -7.49
N PRO D 25 -12.35 -45.58 -7.73
CA PRO D 25 -11.60 -45.47 -8.99
C PRO D 25 -12.40 -46.02 -10.16
N GLY D 26 -12.32 -45.31 -11.30
CA GLY D 26 -13.04 -45.70 -12.48
C GLY D 26 -12.23 -45.46 -13.73
N ILE D 27 -12.68 -46.06 -14.83
CA ILE D 27 -12.06 -45.90 -16.14
C ILE D 27 -13.19 -45.77 -17.16
N ILE D 28 -12.93 -45.02 -18.23
CA ILE D 28 -13.93 -44.74 -19.25
C ILE D 28 -13.69 -45.65 -20.44
N ASP D 29 -14.75 -46.30 -20.91
CA ASP D 29 -14.66 -47.23 -22.03
C ASP D 29 -14.93 -46.51 -23.35
N ALA D 30 -15.00 -47.28 -24.44
CA ALA D 30 -15.23 -46.71 -25.76
C ALA D 30 -16.60 -46.06 -25.89
N ASP D 31 -17.57 -46.47 -25.09
CA ASP D 31 -18.90 -45.90 -25.12
C ASP D 31 -19.07 -44.74 -24.13
N GLY D 32 -17.97 -44.25 -23.56
CA GLY D 32 -18.03 -43.14 -22.62
C GLY D 32 -18.64 -43.46 -21.27
N ASN D 33 -18.83 -44.73 -20.96
CA ASN D 33 -19.40 -45.14 -19.68
C ASN D 33 -18.29 -45.43 -18.67
N ILE D 34 -18.63 -45.32 -17.40
CA ILE D 34 -17.70 -45.53 -16.30
C ILE D 34 -17.66 -47.03 -15.97
N ARG D 35 -16.48 -47.62 -16.07
CA ARG D 35 -16.24 -48.97 -15.58
C ARG D 35 -15.59 -48.87 -14.20
N ASP D 36 -16.08 -49.68 -13.27
CA ASP D 36 -15.62 -49.65 -11.89
C ASP D 36 -14.30 -50.40 -11.76
N LEU D 37 -13.33 -49.77 -11.09
CA LEU D 37 -11.98 -50.31 -10.93
C LEU D 37 -11.69 -50.81 -9.53
N SER D 38 -12.69 -50.79 -8.62
CA SER D 38 -12.45 -51.09 -7.21
C SER D 38 -11.90 -52.48 -6.96
N GLY D 39 -12.05 -53.40 -7.92
CA GLY D 39 -11.56 -54.75 -7.72
C GLY D 39 -10.11 -54.91 -8.15
N VAL D 40 -9.64 -54.00 -8.98
CA VAL D 40 -8.24 -54.02 -9.41
C VAL D 40 -7.37 -53.20 -8.47
N VAL D 41 -7.83 -52.01 -8.10
CA VAL D 41 -7.10 -51.15 -7.16
C VAL D 41 -8.08 -50.46 -6.24
N PRO D 42 -7.68 -50.21 -5.00
CA PRO D 42 -8.61 -49.61 -4.04
C PRO D 42 -8.80 -48.11 -4.25
N GLU D 43 -7.80 -47.42 -4.80
CA GLU D 43 -7.87 -45.98 -5.04
C GLU D 43 -7.16 -45.65 -6.35
N LEU D 44 -7.58 -44.55 -6.98
CA LEU D 44 -6.91 -44.08 -8.19
C LEU D 44 -5.81 -43.10 -7.80
N THR D 45 -4.66 -43.66 -7.47
CA THR D 45 -3.45 -42.90 -7.19
C THR D 45 -2.46 -43.10 -8.33
N ILE D 46 -1.39 -42.30 -8.32
CA ILE D 46 -0.34 -42.47 -9.31
C ILE D 46 0.24 -43.87 -9.24
N ASP D 47 0.35 -44.42 -8.02
CA ASP D 47 0.85 -45.78 -7.85
C ASP D 47 -0.02 -46.79 -8.58
N ALA D 48 -1.34 -46.59 -8.57
CA ALA D 48 -2.26 -47.59 -9.06
C ALA D 48 -2.43 -47.57 -10.58
N LEU D 49 -1.83 -46.60 -11.28
CA LEU D 49 -2.08 -46.46 -12.71
C LEU D 49 -1.65 -47.69 -13.49
N ALA D 50 -0.46 -48.23 -13.18
CA ALA D 50 0.05 -49.39 -13.90
C ALA D 50 -0.94 -50.55 -13.83
N ALA D 51 -1.39 -50.89 -12.62
CA ALA D 51 -2.41 -51.92 -12.47
C ALA D 51 -3.67 -51.57 -13.24
N ALA D 52 -4.22 -50.37 -13.01
CA ALA D 52 -5.45 -49.97 -13.67
C ALA D 52 -5.31 -49.95 -15.19
N LYS D 53 -4.14 -49.57 -15.70
CA LYS D 53 -3.90 -49.64 -17.13
C LYS D 53 -3.99 -51.08 -17.62
N GLY D 54 -3.29 -52.00 -16.95
CA GLY D 54 -3.20 -53.37 -17.39
C GLY D 54 -4.42 -54.22 -17.07
N ALA D 55 -5.51 -53.58 -16.65
CA ALA D 55 -6.75 -54.30 -16.44
C ALA D 55 -7.47 -54.51 -17.76
N ASP D 56 -8.36 -55.51 -17.78
CA ASP D 56 -9.21 -55.77 -18.93
C ASP D 56 -10.52 -55.00 -18.72
N ILE D 57 -10.76 -53.99 -19.57
CA ILE D 57 -11.89 -53.10 -19.37
C ILE D 57 -13.22 -53.84 -19.58
N ALA D 58 -13.21 -54.90 -20.38
CA ALA D 58 -14.45 -55.62 -20.67
C ALA D 58 -15.02 -56.28 -19.42
N LEU D 59 -14.15 -56.77 -18.55
CA LEU D 59 -14.58 -57.53 -17.39
C LEU D 59 -15.09 -56.66 -16.24
N LEU D 60 -14.93 -55.34 -16.33
CA LEU D 60 -15.28 -54.47 -15.21
C LEU D 60 -16.77 -54.13 -15.25
N PRO D 61 -17.41 -54.05 -14.10
CA PRO D 61 -18.85 -53.74 -14.07
C PRO D 61 -19.12 -52.29 -14.42
N LEU D 62 -20.34 -52.05 -14.90
CA LEU D 62 -20.78 -50.69 -15.15
C LEU D 62 -21.23 -50.03 -13.85
N VAL D 63 -21.36 -48.71 -13.90
CA VAL D 63 -21.81 -47.90 -12.78
C VAL D 63 -23.20 -47.39 -13.10
N GLU D 64 -24.14 -47.63 -12.20
CA GLU D 64 -25.51 -47.19 -12.39
C GLU D 64 -25.67 -45.74 -11.93
N GLY D 65 -26.80 -45.15 -12.28
CA GLY D 65 -27.05 -43.76 -11.94
C GLY D 65 -26.14 -42.82 -12.72
N GLU D 66 -26.18 -41.56 -12.30
CA GLU D 66 -25.35 -40.50 -12.88
C GLU D 66 -24.50 -39.93 -11.75
N PRO D 67 -23.39 -40.57 -11.43
CA PRO D 67 -22.65 -40.21 -10.22
C PRO D 67 -21.79 -38.97 -10.42
N ARG D 68 -21.53 -38.30 -9.31
CA ARG D 68 -20.64 -37.15 -9.34
C ARG D 68 -19.23 -37.59 -9.70
N TYR D 69 -18.56 -36.76 -10.49
CA TYR D 69 -17.13 -36.89 -10.74
C TYR D 69 -16.37 -36.14 -9.65
N GLY D 70 -15.36 -36.79 -9.07
CA GLY D 70 -14.43 -36.12 -8.17
C GLY D 70 -13.19 -35.69 -8.91
N VAL D 71 -12.23 -35.15 -8.15
CA VAL D 71 -10.90 -34.97 -8.73
C VAL D 71 -10.40 -36.33 -9.22
N PRO D 72 -9.96 -36.46 -10.47
CA PRO D 72 -9.75 -37.81 -11.03
C PRO D 72 -8.52 -38.53 -10.51
N VAL D 73 -7.64 -37.88 -9.76
CA VAL D 73 -6.51 -38.59 -9.15
C VAL D 73 -6.46 -38.20 -7.68
N LYS D 74 -6.25 -39.19 -6.81
CA LYS D 74 -6.17 -38.95 -5.38
C LYS D 74 -4.72 -38.71 -4.97
N GLY D 75 -4.52 -37.76 -4.06
CA GLY D 75 -3.19 -37.54 -3.51
C GLY D 75 -2.35 -36.50 -4.22
N ILE D 76 -2.96 -35.50 -4.83
CA ILE D 76 -2.20 -34.38 -5.40
C ILE D 76 -1.56 -33.61 -4.26
N GLY D 77 -0.22 -33.54 -4.27
CA GLY D 77 0.49 -32.93 -3.15
C GLY D 77 0.57 -31.42 -3.21
N LYS D 78 0.72 -30.87 -4.41
CA LYS D 78 0.77 -29.43 -4.59
C LYS D 78 0.42 -29.11 -6.04
N ILE D 79 0.11 -27.83 -6.28
CA ILE D 79 -0.32 -27.35 -7.60
C ILE D 79 0.56 -26.16 -7.96
N VAL D 80 1.35 -26.32 -9.03
CA VAL D 80 2.19 -25.25 -9.54
C VAL D 80 1.51 -24.63 -10.75
N ALA D 81 1.40 -23.30 -10.76
CA ALA D 81 0.61 -22.60 -11.76
C ALA D 81 1.47 -21.65 -12.58
N ILE D 82 1.13 -21.51 -13.85
CA ILE D 82 1.88 -20.66 -14.78
C ILE D 82 1.06 -19.40 -15.06
N GLY D 83 1.76 -18.28 -15.24
CA GLY D 83 1.12 -17.02 -15.59
C GLY D 83 0.87 -16.92 -17.09
N LEU D 84 1.11 -15.74 -17.68
CA LEU D 84 0.91 -15.55 -19.11
C LEU D 84 1.65 -16.61 -19.93
N ASN D 85 0.91 -17.36 -20.77
CA ASN D 85 1.57 -18.44 -21.49
C ASN D 85 0.93 -18.75 -22.85
N TYR D 86 0.13 -17.86 -23.40
CA TYR D 86 -0.46 -18.08 -24.71
C TYR D 86 -0.13 -16.86 -25.58
N GLU D 87 0.51 -17.11 -26.73
CA GLU D 87 0.97 -15.99 -27.57
C GLU D 87 -0.19 -15.09 -27.98
N ASP D 88 -1.34 -15.68 -28.30
CA ASP D 88 -2.48 -14.89 -28.71
C ASP D 88 -3.08 -14.13 -27.54
N HIS D 89 -2.92 -14.64 -26.32
CA HIS D 89 -3.34 -13.89 -25.14
C HIS D 89 -2.46 -12.66 -24.93
N ALA D 90 -1.14 -12.82 -25.03
CA ALA D 90 -0.25 -11.68 -24.92
C ALA D 90 -0.60 -10.60 -25.94
N ILE D 91 -0.83 -11.01 -27.19
CA ILE D 91 -1.10 -10.05 -28.26
C ILE D 91 -2.42 -9.32 -28.00
N GLU D 92 -3.45 -10.07 -27.62
CA GLU D 92 -4.75 -9.46 -27.34
C GLU D 92 -4.66 -8.49 -26.17
N SER D 93 -3.89 -8.85 -25.13
CA SER D 93 -3.72 -7.98 -23.97
C SER D 93 -2.65 -6.91 -24.18
N ASN D 94 -1.96 -6.91 -25.32
CA ASN D 94 -0.84 -6.01 -25.57
C ASN D 94 0.19 -6.12 -24.44
N LEU D 95 0.48 -7.33 -24.04
CA LEU D 95 1.58 -7.60 -23.13
C LEU D 95 2.77 -8.19 -23.88
N PRO D 96 3.99 -7.93 -23.42
CA PRO D 96 5.15 -8.57 -24.03
C PRO D 96 5.13 -10.07 -23.81
N ILE D 97 5.86 -10.77 -24.66
CA ILE D 97 6.09 -12.21 -24.54
C ILE D 97 7.10 -12.45 -23.42
N PRO D 98 6.72 -13.14 -22.33
CA PRO D 98 7.68 -13.42 -21.26
C PRO D 98 8.88 -14.21 -21.78
N THR D 99 10.06 -13.91 -21.22
CA THR D 99 11.25 -14.68 -21.54
C THR D 99 11.45 -15.86 -20.59
N GLU D 100 10.80 -15.83 -19.43
CA GLU D 100 10.75 -16.95 -18.48
C GLU D 100 9.33 -17.11 -17.99
N PRO D 101 8.90 -18.33 -17.69
CA PRO D 101 7.53 -18.55 -17.19
C PRO D 101 7.33 -17.89 -15.85
N MSE D 102 6.25 -17.14 -15.70
CA MSE D 102 5.86 -16.74 -14.34
C MSE D 102 5.31 -17.97 -13.63
O MSE D 102 4.46 -18.68 -14.19
CB MSE D 102 4.83 -15.62 -14.31
CG MSE D 102 4.19 -15.49 -12.91
SE MSE D 102 2.72 -14.21 -12.73
CE MSE D 102 3.69 -12.55 -12.97
N MSE D 103 5.78 -18.23 -12.41
CA MSE D 103 5.24 -19.30 -11.59
C MSE D 103 4.60 -18.76 -10.32
O MSE D 103 5.12 -17.81 -9.72
CB MSE D 103 6.33 -20.31 -11.21
CG MSE D 103 7.20 -20.82 -12.34
SE MSE D 103 8.79 -21.72 -11.64
CE MSE D 103 7.96 -22.59 -10.12
N PHE D 104 3.49 -19.35 -9.89
CA PHE D 104 2.92 -19.09 -8.57
C PHE D 104 2.28 -20.37 -8.07
N MSE D 105 2.09 -20.46 -6.76
CA MSE D 105 1.46 -21.65 -6.21
C MSE D 105 -0.05 -21.49 -6.14
O MSE D 105 -0.56 -20.45 -5.68
CB MSE D 105 2.05 -21.99 -4.84
CG MSE D 105 3.58 -21.97 -4.81
SE MSE D 105 4.29 -23.42 -5.90
CE MSE D 105 3.32 -24.91 -5.04
N LYS D 106 -0.78 -22.50 -6.61
CA LYS D 106 -2.23 -22.55 -6.49
C LYS D 106 -2.56 -23.35 -5.23
N ALA D 107 -3.07 -22.67 -4.20
CA ALA D 107 -3.24 -23.31 -2.89
C ALA D 107 -3.99 -24.62 -3.02
N LEU D 108 -3.46 -25.68 -2.39
CA LEU D 108 -4.07 -27.00 -2.54
C LEU D 108 -5.51 -27.01 -2.06
N SER D 109 -5.86 -26.12 -1.13
CA SER D 109 -7.21 -26.07 -0.58
C SER D 109 -8.24 -25.52 -1.55
N SER D 110 -7.83 -25.02 -2.72
CA SER D 110 -8.75 -24.59 -3.78
C SER D 110 -9.22 -25.75 -4.65
N LEU D 111 -8.55 -26.89 -4.57
CA LEU D 111 -8.87 -28.04 -5.39
C LEU D 111 -10.32 -28.48 -5.21
N ASN D 112 -10.96 -28.88 -6.31
CA ASN D 112 -12.36 -29.25 -6.24
C ASN D 112 -12.68 -30.17 -7.40
N GLY D 113 -13.82 -30.87 -7.28
CA GLY D 113 -14.32 -31.68 -8.36
C GLY D 113 -14.65 -30.87 -9.60
N PRO D 114 -14.72 -31.53 -10.76
CA PRO D 114 -14.83 -30.79 -12.03
C PRO D 114 -16.14 -30.07 -12.21
N ASN D 115 -17.24 -30.57 -11.63
CA ASN D 115 -18.53 -29.94 -11.78
C ASN D 115 -19.07 -29.41 -10.45
N ASP D 116 -18.19 -29.18 -9.47
CA ASP D 116 -18.65 -28.74 -8.16
C ASP D 116 -18.90 -27.24 -8.15
N GLU D 117 -19.82 -26.83 -7.28
CA GLU D 117 -20.17 -25.42 -7.09
C GLU D 117 -18.93 -24.57 -6.87
N VAL D 118 -18.90 -23.39 -7.49
CA VAL D 118 -17.88 -22.39 -7.22
C VAL D 118 -18.50 -21.34 -6.32
N VAL D 119 -17.92 -21.15 -5.14
CA VAL D 119 -18.43 -20.21 -4.16
C VAL D 119 -17.56 -18.96 -4.20
N LEU D 120 -18.18 -17.83 -4.50
CA LEU D 120 -17.43 -16.57 -4.57
C LEU D 120 -16.95 -16.14 -3.19
N PRO D 121 -15.76 -15.55 -3.08
CA PRO D 121 -15.32 -15.00 -1.81
C PRO D 121 -16.27 -13.91 -1.33
N LYS D 122 -16.14 -13.57 -0.04
CA LYS D 122 -17.10 -12.67 0.60
C LYS D 122 -17.15 -11.34 -0.15
N ASN D 123 -18.35 -11.01 -0.65
CA ASN D 123 -18.60 -9.76 -1.37
C ASN D 123 -17.64 -9.58 -2.55
N SER D 124 -17.28 -10.67 -3.19
CA SER D 124 -16.40 -10.61 -4.35
C SER D 124 -17.16 -10.11 -5.56
N THR D 125 -16.61 -9.09 -6.23
CA THR D 125 -17.18 -8.61 -7.48
C THR D 125 -16.18 -8.69 -8.63
N HIS D 126 -15.07 -9.41 -8.45
CA HIS D 126 -14.04 -9.50 -9.48
C HIS D 126 -13.63 -10.94 -9.78
N GLY D 127 -14.54 -11.89 -9.56
CA GLY D 127 -14.27 -13.27 -9.94
C GLY D 127 -14.18 -13.45 -11.44
N ASP D 128 -13.35 -14.40 -11.88
CA ASP D 128 -13.01 -14.54 -13.29
C ASP D 128 -12.66 -16.01 -13.57
N TRP D 129 -12.76 -16.37 -14.84
CA TRP D 129 -12.56 -17.73 -15.32
C TRP D 129 -11.23 -17.86 -16.06
N GLU D 130 -10.66 -19.08 -16.06
CA GLU D 130 -9.42 -19.36 -16.79
C GLU D 130 -9.39 -20.85 -17.15
N VAL D 131 -9.76 -21.21 -18.39
CA VAL D 131 -9.65 -22.62 -18.76
C VAL D 131 -8.17 -22.94 -19.04
N GLU D 132 -7.67 -24.06 -18.51
CA GLU D 132 -6.26 -24.40 -18.65
C GLU D 132 -6.05 -25.91 -18.81
N LEU D 133 -4.98 -26.24 -19.52
CA LEU D 133 -4.47 -27.62 -19.56
C LEU D 133 -3.70 -27.92 -18.28
N GLY D 134 -4.11 -28.96 -17.56
CA GLY D 134 -3.41 -29.42 -16.37
C GLY D 134 -2.54 -30.63 -16.71
N VAL D 135 -1.38 -30.70 -16.07
CA VAL D 135 -0.41 -31.76 -16.31
C VAL D 135 -0.15 -32.45 -14.98
N VAL D 136 -0.42 -33.75 -14.90
CA VAL D 136 -0.22 -34.52 -13.67
C VAL D 136 1.09 -35.27 -13.78
N ILE D 137 1.98 -35.04 -12.83
CA ILE D 137 3.33 -35.59 -12.87
C ILE D 137 3.31 -37.05 -12.44
N GLY D 138 4.07 -37.88 -13.14
CA GLY D 138 4.12 -39.29 -12.79
C GLY D 138 5.44 -39.74 -12.21
N GLU D 139 6.51 -39.04 -12.54
CA GLU D 139 7.85 -39.33 -12.04
C GLU D 139 8.52 -38.04 -11.59
N THR D 140 9.40 -38.15 -10.61
CA THR D 140 10.01 -36.97 -10.01
C THR D 140 10.73 -36.13 -11.05
N CYS D 141 10.47 -34.82 -11.02
CA CYS D 141 11.06 -33.84 -11.92
C CYS D 141 12.01 -32.96 -11.12
N ARG D 142 13.32 -33.16 -11.32
CA ARG D 142 14.34 -32.38 -10.64
C ARG D 142 15.43 -32.13 -11.67
N PHE D 143 15.52 -30.89 -12.15
CA PHE D 143 16.48 -30.48 -13.19
C PHE D 143 16.41 -31.42 -14.40
N VAL D 144 15.21 -31.63 -14.90
CA VAL D 144 15.01 -32.48 -16.08
C VAL D 144 15.17 -31.64 -17.34
N SER D 145 15.71 -32.26 -18.38
CA SER D 145 15.91 -31.57 -19.64
C SER D 145 14.59 -31.48 -20.42
N GLU D 146 14.54 -30.52 -21.34
CA GLU D 146 13.34 -30.38 -22.17
C GLU D 146 13.08 -31.67 -22.95
N ASP D 147 14.14 -32.33 -23.42
CA ASP D 147 13.98 -33.53 -24.23
C ASP D 147 13.48 -34.73 -23.42
N GLU D 148 13.67 -34.73 -22.10
CA GLU D 148 13.18 -35.82 -21.28
C GLU D 148 11.91 -35.49 -20.50
N ALA D 149 11.44 -34.24 -20.57
CA ALA D 149 10.40 -33.78 -19.66
C ALA D 149 9.08 -34.53 -19.86
N LEU D 150 8.62 -34.67 -21.11
CA LEU D 150 7.29 -35.26 -21.28
C LEU D 150 7.24 -36.70 -20.81
N SER D 151 8.38 -37.39 -20.76
CA SER D 151 8.43 -38.74 -20.22
C SER D 151 8.07 -38.80 -18.74
N LYS D 152 8.03 -37.66 -18.05
CA LYS D 152 7.71 -37.62 -16.63
C LYS D 152 6.22 -37.43 -16.35
N VAL D 153 5.41 -37.29 -17.39
CA VAL D 153 4.00 -36.96 -17.26
C VAL D 153 3.19 -38.24 -17.10
N ALA D 154 2.34 -38.27 -16.07
CA ALA D 154 1.40 -39.38 -15.95
C ALA D 154 0.18 -39.16 -16.82
N GLY D 155 -0.31 -37.93 -16.93
CA GLY D 155 -1.52 -37.70 -17.68
C GLY D 155 -1.90 -36.24 -17.69
N TYR D 156 -2.98 -35.95 -18.40
CA TYR D 156 -3.45 -34.58 -18.56
C TYR D 156 -4.87 -34.48 -18.04
N VAL D 157 -5.23 -33.31 -17.53
CA VAL D 157 -6.54 -33.06 -16.93
C VAL D 157 -7.00 -31.66 -17.32
N LEU D 158 -8.31 -31.49 -17.42
CA LEU D 158 -8.93 -30.19 -17.60
C LEU D 158 -9.00 -29.44 -16.26
N VAL D 159 -8.74 -28.13 -16.31
CA VAL D 159 -8.68 -27.28 -15.12
C VAL D 159 -9.36 -25.95 -15.42
N ASN D 160 -10.01 -25.39 -14.40
CA ASN D 160 -10.43 -24.00 -14.39
C ASN D 160 -9.64 -23.28 -13.29
N ASP D 161 -8.73 -22.38 -13.69
CA ASP D 161 -7.94 -21.58 -12.74
C ASP D 161 -8.76 -20.35 -12.32
N VAL D 162 -9.81 -20.61 -11.53
CA VAL D 162 -10.71 -19.54 -11.12
C VAL D 162 -9.93 -18.52 -10.30
N SER D 163 -10.19 -17.23 -10.54
CA SER D 163 -9.38 -16.17 -9.99
C SER D 163 -10.24 -15.04 -9.47
N GLU D 164 -9.77 -14.38 -8.42
CA GLU D 164 -10.40 -13.16 -7.89
C GLU D 164 -9.45 -12.03 -8.26
N ARG D 165 -9.82 -11.24 -9.29
CA ARG D 165 -8.85 -10.34 -9.90
C ARG D 165 -8.42 -9.22 -8.96
N PHE D 166 -9.30 -8.75 -8.08
CA PHE D 166 -8.87 -7.71 -7.15
C PHE D 166 -7.86 -8.27 -6.14
N ASN D 167 -8.17 -9.42 -5.56
CA ASN D 167 -7.23 -10.05 -4.63
C ASN D 167 -5.93 -10.44 -5.32
N GLN D 168 -6.00 -10.80 -6.60
CA GLN D 168 -4.81 -11.26 -7.32
C GLN D 168 -3.87 -10.09 -7.65
N LYS D 169 -4.42 -8.93 -8.01
CA LYS D 169 -3.63 -7.86 -8.61
C LYS D 169 -3.64 -6.55 -7.85
N GLN D 170 -4.61 -6.30 -6.98
CA GLN D 170 -4.74 -5.00 -6.35
C GLN D 170 -4.35 -4.96 -4.89
N ARG D 171 -3.93 -6.09 -4.31
CA ARG D 171 -3.55 -6.20 -2.90
C ARG D 171 -2.08 -6.59 -2.75
N GLY D 172 -1.22 -6.05 -3.57
CA GLY D 172 0.20 -6.35 -3.54
C GLY D 172 0.64 -7.06 -4.79
N THR D 173 1.90 -7.50 -4.78
CA THR D 173 2.54 -8.02 -5.99
C THR D 173 2.34 -9.51 -6.18
N GLN D 174 1.92 -10.26 -5.16
CA GLN D 174 1.85 -11.71 -5.24
C GLN D 174 0.45 -12.17 -5.65
N TRP D 175 0.39 -12.95 -6.73
CA TRP D 175 -0.89 -13.36 -7.32
C TRP D 175 -1.67 -14.35 -6.46
N SER D 176 -0.98 -15.16 -5.65
CA SER D 176 -1.65 -16.31 -5.03
C SER D 176 -2.79 -15.89 -4.11
N LYS D 177 -2.78 -14.64 -3.64
CA LYS D 177 -3.84 -14.15 -2.76
C LYS D 177 -5.21 -14.21 -3.42
N GLY D 178 -5.29 -14.10 -4.73
CA GLY D 178 -6.55 -14.19 -5.44
C GLY D 178 -6.77 -15.52 -6.12
N LYS D 179 -5.95 -16.51 -5.83
CA LYS D 179 -5.98 -17.77 -6.54
C LYS D 179 -6.32 -18.96 -5.69
N GLY D 180 -6.17 -18.87 -4.37
CA GLY D 180 -6.30 -20.01 -3.50
C GLY D 180 -7.65 -20.21 -2.83
N HIS D 181 -8.64 -19.37 -3.14
CA HIS D 181 -9.94 -19.43 -2.48
C HIS D 181 -10.55 -20.84 -2.58
N ASP D 182 -11.27 -21.23 -1.52
CA ASP D 182 -12.07 -22.45 -1.59
C ASP D 182 -12.86 -22.51 -2.89
N THR D 183 -12.82 -23.66 -3.55
CA THR D 183 -13.54 -24.04 -4.78
C THR D 183 -12.93 -23.46 -6.07
N PHE D 184 -11.80 -22.75 -6.01
CA PHE D 184 -11.31 -22.03 -7.18
C PHE D 184 -10.40 -22.86 -8.09
N CYS D 185 -10.31 -24.18 -7.89
CA CYS D 185 -9.54 -25.03 -8.80
C CYS D 185 -10.30 -26.32 -9.12
N PRO D 186 -11.38 -26.22 -9.89
CA PRO D 186 -12.03 -27.42 -10.43
C PRO D 186 -11.08 -28.18 -11.36
N VAL D 187 -10.98 -29.50 -11.14
CA VAL D 187 -10.06 -30.35 -11.87
C VAL D 187 -10.79 -31.63 -12.29
N GLY D 188 -10.71 -31.98 -13.56
CA GLY D 188 -11.34 -33.18 -14.04
C GLY D 188 -12.14 -32.90 -15.29
N PRO D 189 -12.94 -33.87 -15.75
CA PRO D 189 -13.29 -35.11 -15.04
C PRO D 189 -12.35 -36.31 -15.26
N TRP D 190 -11.41 -36.22 -16.20
CA TRP D 190 -10.63 -37.39 -16.57
C TRP D 190 -9.13 -37.13 -16.44
N LEU D 191 -8.41 -38.10 -15.90
CA LEU D 191 -6.97 -38.18 -16.05
C LEU D 191 -6.68 -38.98 -17.32
N VAL D 192 -6.14 -38.33 -18.33
CA VAL D 192 -6.00 -38.92 -19.67
C VAL D 192 -4.52 -39.12 -19.97
N THR D 193 -4.13 -40.35 -20.29
CA THR D 193 -2.72 -40.70 -20.41
C THR D 193 -2.12 -40.16 -21.71
N PRO D 194 -0.79 -39.98 -21.74
CA PRO D 194 -0.18 -39.27 -22.89
C PRO D 194 -0.48 -39.88 -24.25
N ASP D 195 -0.32 -41.20 -24.41
CA ASP D 195 -0.45 -41.73 -25.76
C ASP D 195 -1.90 -41.72 -26.24
N GLU D 196 -2.87 -41.57 -25.33
CA GLU D 196 -4.23 -41.28 -25.76
C GLU D 196 -4.38 -39.82 -26.15
N VAL D 197 -3.67 -38.91 -25.47
CA VAL D 197 -3.74 -37.50 -25.80
C VAL D 197 -2.99 -37.22 -27.09
N GLY D 198 -1.84 -37.83 -27.27
CA GLY D 198 -1.00 -37.52 -28.42
C GLY D 198 -0.15 -36.30 -28.15
N ASP D 199 -0.19 -35.34 -29.05
CA ASP D 199 0.56 -34.10 -28.90
C ASP D 199 -0.20 -33.16 -27.97
N PRO D 200 0.32 -32.85 -26.77
CA PRO D 200 -0.40 -31.92 -25.90
C PRO D 200 -0.47 -30.51 -26.46
N GLN D 201 0.38 -30.18 -27.44
CA GLN D 201 0.40 -28.88 -28.09
C GLN D 201 -0.46 -28.82 -29.33
N ASP D 202 -1.47 -29.68 -29.43
CA ASP D 202 -2.43 -29.65 -30.54
C ASP D 202 -3.82 -30.01 -30.01
N LEU D 203 -4.30 -29.22 -29.05
CA LEU D 203 -5.59 -29.48 -28.41
C LEU D 203 -6.43 -28.21 -28.44
N ASP D 204 -7.69 -28.34 -28.85
CA ASP D 204 -8.62 -27.22 -28.85
C ASP D 204 -9.14 -26.95 -27.44
N VAL D 205 -9.32 -25.65 -27.13
CA VAL D 205 -9.62 -25.16 -25.78
C VAL D 205 -10.81 -24.21 -25.86
N HIS D 206 -11.74 -24.32 -24.92
CA HIS D 206 -12.88 -23.40 -24.94
C HIS D 206 -13.50 -23.28 -23.55
N LEU D 207 -14.14 -22.13 -23.31
CA LEU D 207 -14.89 -21.87 -22.09
C LEU D 207 -16.07 -20.96 -22.41
N ASP D 208 -17.26 -21.34 -21.93
CA ASP D 208 -18.48 -20.56 -22.09
C ASP D 208 -18.99 -20.07 -20.74
N VAL D 209 -19.63 -18.91 -20.75
CA VAL D 209 -20.31 -18.37 -19.58
C VAL D 209 -21.77 -18.13 -19.95
N ASN D 210 -22.68 -18.76 -19.23
CA ASN D 210 -24.12 -18.67 -19.48
C ASN D 210 -24.44 -19.02 -20.93
N GLY D 211 -23.76 -20.03 -21.45
CA GLY D 211 -23.96 -20.49 -22.80
C GLY D 211 -23.27 -19.69 -23.88
N GLU D 212 -22.54 -18.63 -23.53
CA GLU D 212 -21.90 -17.77 -24.53
C GLU D 212 -20.39 -17.99 -24.50
N ARG D 213 -19.80 -18.14 -25.69
CA ARG D 213 -18.37 -18.43 -25.80
C ARG D 213 -17.55 -17.23 -25.34
N MSE D 214 -16.66 -17.46 -24.37
CA MSE D 214 -15.81 -16.42 -23.83
C MSE D 214 -14.35 -16.61 -24.21
O MSE D 214 -13.66 -15.66 -24.55
CB MSE D 214 -15.93 -16.40 -22.29
CG MSE D 214 -17.30 -15.97 -21.78
SE MSE D 214 -17.70 -14.11 -22.24
CE MSE D 214 -18.96 -14.39 -23.69
N GLN D 215 -13.88 -17.85 -24.14
CA GLN D 215 -12.48 -18.19 -24.42
C GLN D 215 -12.44 -19.23 -25.52
N THR D 216 -11.62 -18.98 -26.54
CA THR D 216 -11.38 -19.93 -27.62
C THR D 216 -9.88 -19.98 -27.91
N GLY D 217 -9.33 -21.19 -28.02
CA GLY D 217 -7.92 -21.28 -28.35
C GLY D 217 -7.48 -22.68 -28.62
N ASN D 218 -6.16 -22.84 -28.77
CA ASN D 218 -5.53 -24.13 -29.01
C ASN D 218 -4.16 -24.10 -28.35
N THR D 219 -3.79 -25.22 -27.71
CA THR D 219 -2.53 -25.30 -26.99
C THR D 219 -1.31 -25.10 -27.90
N LYS D 220 -1.51 -25.09 -29.22
CA LYS D 220 -0.36 -24.84 -30.09
C LYS D 220 0.21 -23.44 -29.93
N THR D 221 -0.55 -22.50 -29.37
CA THR D 221 -0.04 -21.15 -29.19
C THR D 221 0.65 -20.93 -27.84
N MSE D 222 0.87 -21.99 -27.07
CA MSE D 222 1.56 -21.88 -25.79
C MSE D 222 2.94 -21.29 -26.00
O MSE D 222 3.66 -21.67 -26.92
CB MSE D 222 1.69 -23.24 -25.10
CG MSE D 222 0.46 -23.68 -24.37
SE MSE D 222 0.93 -25.14 -23.16
CE MSE D 222 -0.83 -25.88 -23.10
N ILE D 223 3.29 -20.32 -25.15
CA ILE D 223 4.60 -19.68 -25.25
C ILE D 223 5.68 -20.64 -24.81
N PHE D 224 5.55 -21.20 -23.62
CA PHE D 224 6.37 -22.32 -23.16
C PHE D 224 5.51 -23.56 -23.22
N ASN D 225 5.95 -24.55 -24.00
CA ASN D 225 5.15 -25.76 -24.10
C ASN D 225 5.34 -26.60 -22.84
N VAL D 226 4.57 -27.70 -22.74
CA VAL D 226 4.59 -28.50 -21.51
C VAL D 226 6.02 -28.94 -21.18
N ALA D 227 6.78 -29.33 -22.20
CA ALA D 227 8.13 -29.81 -21.94
C ALA D 227 9.03 -28.68 -21.45
N GLN D 228 8.92 -27.49 -22.05
CA GLN D 228 9.71 -26.34 -21.62
C GLN D 228 9.32 -25.93 -20.20
N LEU D 229 8.04 -26.04 -19.86
CA LEU D 229 7.58 -25.69 -18.52
C LEU D 229 8.14 -26.66 -17.49
N ILE D 230 7.95 -27.96 -17.71
CA ILE D 230 8.43 -28.93 -16.73
C ILE D 230 9.93 -28.77 -16.50
N SER D 231 10.68 -28.62 -17.60
CA SER D 231 12.12 -28.44 -17.48
C SER D 231 12.46 -27.20 -16.67
N TYR D 232 11.83 -26.05 -16.98
CA TYR D 232 12.14 -24.83 -16.26
C TYR D 232 11.73 -24.93 -14.79
N VAL D 233 10.50 -25.36 -14.52
CA VAL D 233 10.00 -25.41 -13.14
C VAL D 233 10.88 -26.30 -12.30
N SER D 234 11.31 -27.44 -12.84
CA SER D 234 12.12 -28.42 -12.11
C SER D 234 13.47 -27.86 -11.65
N GLU D 235 13.91 -26.70 -12.14
CA GLU D 235 15.14 -26.08 -11.65
C GLU D 235 14.91 -25.23 -10.40
N TYR D 236 13.65 -24.97 -10.05
CA TYR D 236 13.31 -24.13 -8.92
C TYR D 236 12.52 -24.86 -7.85
N ILE D 237 11.68 -25.82 -8.24
CA ILE D 237 10.87 -26.60 -7.31
C ILE D 237 10.83 -28.01 -7.84
N THR D 238 11.07 -28.99 -6.98
CA THR D 238 10.95 -30.38 -7.38
C THR D 238 9.49 -30.78 -7.50
N LEU D 239 9.11 -31.40 -8.62
CA LEU D 239 7.76 -31.92 -8.77
C LEU D 239 7.78 -33.41 -8.48
N TYR D 240 6.89 -33.85 -7.62
CA TYR D 240 6.79 -35.24 -7.22
C TYR D 240 5.59 -35.90 -7.88
N PRO D 241 5.60 -37.23 -7.98
CA PRO D 241 4.43 -37.95 -8.51
C PRO D 241 3.13 -37.51 -7.85
N GLY D 242 2.13 -37.22 -8.67
CA GLY D 242 0.85 -36.73 -8.22
C GLY D 242 0.70 -35.22 -8.23
N ASP D 243 1.80 -34.48 -8.36
CA ASP D 243 1.69 -33.02 -8.40
C ASP D 243 0.99 -32.55 -9.67
N LEU D 244 0.39 -31.38 -9.59
CA LEU D 244 -0.39 -30.83 -10.70
C LEU D 244 0.24 -29.54 -11.18
N MSE D 245 0.47 -29.42 -12.49
CA MSE D 245 0.95 -28.17 -13.05
C MSE D 245 -0.11 -27.64 -13.99
O MSE D 245 -0.58 -28.36 -14.89
CB MSE D 245 2.29 -28.36 -13.77
CG MSE D 245 2.80 -27.08 -14.41
SE MSE D 245 4.53 -27.27 -15.32
CE MSE D 245 3.90 -28.13 -16.97
N ILE D 246 -0.56 -26.41 -13.80
CA ILE D 246 -1.58 -25.81 -14.67
C ILE D 246 -0.90 -24.75 -15.52
N THR D 247 -1.13 -24.79 -16.82
CA THR D 247 -0.16 -24.27 -17.77
C THR D 247 -0.55 -22.94 -18.42
N GLY D 248 -1.54 -22.22 -17.89
CA GLY D 248 -1.92 -20.93 -18.44
C GLY D 248 -3.18 -21.01 -19.28
N THR D 249 -3.64 -19.85 -19.74
CA THR D 249 -4.97 -19.77 -20.32
C THR D 249 -4.98 -18.99 -21.63
N PRO D 250 -5.85 -19.37 -22.56
CA PRO D 250 -5.97 -18.63 -23.82
C PRO D 250 -6.67 -17.30 -23.62
N PRO D 251 -6.75 -16.45 -24.65
CA PRO D 251 -7.44 -15.17 -24.48
C PRO D 251 -8.91 -15.38 -24.13
N GLY D 252 -9.54 -14.28 -23.71
CA GLY D 252 -10.95 -14.27 -23.42
C GLY D 252 -11.35 -14.29 -21.96
N VAL D 253 -10.41 -14.09 -21.03
CA VAL D 253 -10.82 -13.94 -19.64
C VAL D 253 -11.68 -12.70 -19.49
N GLY D 254 -12.53 -12.71 -18.45
CA GLY D 254 -13.51 -11.64 -18.29
C GLY D 254 -12.89 -10.28 -18.09
N GLU D 255 -11.80 -10.22 -17.31
CA GLU D 255 -11.21 -8.92 -17.00
C GLU D 255 -10.64 -8.24 -18.24
N GLY D 256 -10.39 -8.98 -19.32
CA GLY D 256 -9.91 -8.40 -20.56
C GLY D 256 -10.95 -8.08 -21.60
N LYS D 257 -12.24 -8.28 -21.30
CA LYS D 257 -13.29 -8.05 -22.27
C LYS D 257 -13.44 -6.55 -22.58
N LYS D 258 -13.87 -6.27 -23.81
CA LYS D 258 -14.06 -4.90 -24.29
C LYS D 258 -15.46 -4.78 -24.89
N PRO D 259 -16.12 -3.62 -24.72
CA PRO D 259 -15.59 -2.39 -24.12
C PRO D 259 -15.45 -2.40 -22.60
N GLN D 260 -16.17 -3.27 -21.90
CA GLN D 260 -16.14 -3.31 -20.43
C GLN D 260 -15.73 -4.69 -19.94
N ALA D 261 -14.91 -4.72 -18.90
CA ALA D 261 -14.59 -5.99 -18.26
C ALA D 261 -15.87 -6.64 -17.73
N ILE D 262 -15.90 -7.97 -17.78
CA ILE D 262 -17.01 -8.74 -17.24
C ILE D 262 -16.47 -9.64 -16.14
N TYR D 263 -17.21 -9.76 -15.05
CA TYR D 263 -16.80 -10.60 -13.93
C TYR D 263 -17.93 -11.56 -13.55
N LEU D 264 -17.55 -12.59 -12.79
CA LEU D 264 -18.51 -13.58 -12.33
C LEU D 264 -19.51 -12.98 -11.34
N LYS D 265 -20.72 -13.54 -11.33
CA LYS D 265 -21.75 -13.15 -10.38
C LYS D 265 -22.52 -14.39 -9.96
N ALA D 266 -23.20 -14.29 -8.81
CA ALA D 266 -24.01 -15.39 -8.33
C ALA D 266 -25.03 -15.78 -9.40
N GLY D 267 -25.10 -17.08 -9.70
CA GLY D 267 -26.02 -17.61 -10.70
C GLY D 267 -25.41 -17.89 -12.04
N ASP D 268 -24.19 -17.42 -12.31
CA ASP D 268 -23.52 -17.73 -13.56
C ASP D 268 -23.23 -19.22 -13.65
N VAL D 269 -23.13 -19.71 -14.88
CA VAL D 269 -22.78 -21.09 -15.14
C VAL D 269 -21.59 -21.09 -16.08
N MSE D 270 -20.49 -21.70 -15.64
CA MSE D 270 -19.33 -21.85 -16.51
C MSE D 270 -19.31 -23.26 -17.10
O MSE D 270 -19.54 -24.23 -16.38
CB MSE D 270 -18.04 -21.58 -15.73
CG MSE D 270 -17.94 -20.15 -15.23
SE MSE D 270 -16.24 -19.84 -14.25
CE MSE D 270 -16.69 -20.71 -12.57
N GLU D 271 -19.03 -23.34 -18.40
CA GLU D 271 -18.87 -24.60 -19.12
C GLU D 271 -17.60 -24.55 -19.94
N LEU D 272 -16.73 -25.55 -19.79
CA LEU D 272 -15.45 -25.51 -20.47
C LEU D 272 -15.06 -26.92 -20.91
N GLY D 273 -14.15 -26.97 -21.86
CA GLY D 273 -13.63 -28.23 -22.34
C GLY D 273 -12.29 -28.05 -23.00
N ILE D 274 -11.55 -29.16 -23.04
CA ILE D 274 -10.34 -29.27 -23.82
C ILE D 274 -10.41 -30.58 -24.58
N GLU D 275 -10.12 -30.54 -25.88
CA GLU D 275 -10.12 -31.71 -26.74
C GLU D 275 -9.43 -32.89 -26.05
N LYS D 276 -10.14 -34.03 -26.00
CA LYS D 276 -9.75 -35.31 -25.44
C LYS D 276 -9.85 -35.36 -23.90
N LEU D 277 -10.05 -34.24 -23.21
CA LEU D 277 -10.01 -34.24 -21.76
C LEU D 277 -11.38 -34.07 -21.11
N GLY D 278 -12.46 -34.06 -21.89
CA GLY D 278 -13.79 -33.96 -21.31
C GLY D 278 -14.25 -32.53 -21.10
N THR D 279 -15.26 -32.39 -20.25
CA THR D 279 -15.94 -31.12 -20.02
C THR D 279 -16.24 -30.88 -18.54
N GLN D 280 -16.31 -29.60 -18.18
CA GLN D 280 -16.68 -29.16 -16.84
C GLN D 280 -17.87 -28.22 -16.90
N ARG D 281 -18.66 -28.22 -15.84
CA ARG D 281 -19.76 -27.29 -15.69
C ARG D 281 -19.87 -26.89 -14.23
N GLN D 282 -19.66 -25.61 -13.94
CA GLN D 282 -19.73 -25.13 -12.57
C GLN D 282 -20.81 -24.07 -12.46
N GLN D 283 -21.65 -24.21 -11.44
CA GLN D 283 -22.56 -23.16 -11.05
C GLN D 283 -21.86 -22.25 -10.05
N VAL D 284 -22.03 -20.93 -10.22
CA VAL D 284 -21.42 -19.95 -9.34
C VAL D 284 -22.42 -19.54 -8.27
N SER D 285 -21.97 -19.43 -7.02
CA SER D 285 -22.83 -19.00 -5.93
C SER D 285 -22.18 -17.89 -5.13
N GLU D 286 -23.02 -17.07 -4.52
CA GLU D 286 -22.52 -16.04 -3.62
C GLU D 286 -21.90 -16.68 -2.38
N TRP D 287 -21.11 -15.88 -1.68
CA TRP D 287 -20.38 -16.39 -0.52
C TRP D 287 -21.33 -16.86 0.58
N ARG D 288 -20.98 -17.98 1.18
CA ARG D 288 -21.49 -18.39 2.49
C ARG D 288 -20.30 -18.95 3.28
N HIS D 289 -20.46 -19.01 4.59
CA HIS D 289 -19.45 -19.67 5.41
C HIS D 289 -19.56 -21.17 5.22
N LEU D 290 -18.49 -21.79 4.74
CA LEU D 290 -18.54 -23.21 4.41
C LEU D 290 -18.27 -24.10 5.62
N GLY D 291 -18.10 -23.51 6.79
CA GLY D 291 -18.10 -24.31 8.01
C GLY D 291 -16.84 -25.14 8.14
N ASP D 292 -17.03 -26.43 8.42
CA ASP D 292 -15.95 -27.37 8.64
C ASP D 292 -15.74 -28.30 7.45
N GLU D 293 -16.34 -27.99 6.30
CA GLU D 293 -16.24 -28.88 5.16
C GLU D 293 -14.81 -28.90 4.61
N VAL D 294 -14.36 -30.08 4.20
CA VAL D 294 -13.11 -30.28 3.50
C VAL D 294 -13.45 -30.57 2.04
N PHE D 295 -12.83 -29.83 1.13
CA PHE D 295 -13.05 -30.02 -0.30
C PHE D 295 -11.94 -30.91 -0.87
N GLY D 296 -11.69 -30.82 -2.17
CA GLY D 296 -10.61 -31.58 -2.78
C GLY D 296 -11.02 -32.92 -3.37
MG MG E . -10.78 13.73 -0.78
MG MG F . 9.49 25.11 -9.63
MG MG G . 26.00 46.28 3.59
MG MG H . 10.15 -15.08 5.21
MG MG I . 19.55 -17.02 27.13
MG MG J . 11.39 -12.00 27.65
MG MG K . 16.56 -28.00 -27.37
MG MG L . -4.03 -19.33 -14.69
#